data_6W8J
#
_entry.id   6W8J
#
_cell.length_a   205.943
_cell.length_b   205.943
_cell.length_c   89.371
_cell.angle_alpha   90.000
_cell.angle_beta   90.000
_cell.angle_gamma   120.000
#
_symmetry.space_group_name_H-M   'H 3'
#
loop_
_entity.id
_entity.type
_entity.pdbx_description
1 polymer 'DNA (cytosine-5)-methyltransferase 3A'
2 polymer 'DNA (cytosine-5)-methyltransferase 3-like'
3 polymer 'CAG DNA (25-MER)'
4 non-polymer S-ADENOSYL-L-HOMOCYSTEINE
5 water water
#
loop_
_entity_poly.entity_id
_entity_poly.type
_entity_poly.pdbx_seq_one_letter_code
_entity_poly.pdbx_strand_id
1 'polypeptide(L)'
;AEKRKPIRVLSLFDGIATGLLVLKDLGIQVDRYIASEVCEDSITVGMVRHQGKIMYVGDVRSVTQKHIQEWGPFDLVIGG
SPCNDLSIVNPARKGLYEGTGRLFFEFYRLLHDARPKEGDDRPFFWLFENVVAMGVSDKRDISRFLESNPVMIDAKEVSA
AHRARYFWGNLPGMNRPLASTVNDKLELQECLEHGRIAKFSKVRTITTRSNSIKQGKDQHFPVFMNEKEDILWCTEMERV
FGFPVHYTDVSNMSHLARQRLLGRSWSVPVIRHLFAPLKEYFACV
;
A,D
2 'polypeptide(L)'
;MFETVPVWRRQPVRVLSLFEDIKKELTSLGFLESGSDPGQLKHVVDVTDTVRKDVEEWGPFDLVYGATPPLGHTCDRPPS
WYLFQFHRLLQYARPKPGSPRPFFWMFVDNLVLNKEDLDVASRFLEMEPVTIPDVHGGSLQNAVRVWSNIPAIRSRHWAL
VSEEELSLLAQNKQSSKLAAKWPTKLVKNCFLPLREYFKYFSTELTSSL
;
B,C
3 'polydeoxyribonucleotide'
;(DC)(DA)(DT)(DG)(PYO)(DA)(DG)(DT)(DC)(DT)(DA)(DA)(DT)(DT)(DA)(DG)(DA)(DC)(DT)
(DG)(DC)(DA)(DT)(DG)(DG)
;
E,F
#
loop_
_chem_comp.id
_chem_comp.type
_chem_comp.name
_chem_comp.formula
DA DNA linking 2'-DEOXYADENOSINE-5'-MONOPHOSPHATE 'C10 H14 N5 O6 P'
DC DNA linking 2'-DEOXYCYTIDINE-5'-MONOPHOSPHATE 'C9 H14 N3 O7 P'
DG DNA linking 2'-DEOXYGUANOSINE-5'-MONOPHOSPHATE 'C10 H14 N5 O7 P'
DT DNA linking THYMIDINE-5'-MONOPHOSPHATE 'C10 H15 N2 O8 P'
PYO RNA linking 1-(BETA-D-RIBOFURANOSYL)-PYRIMIDIN-2-ONE-5'-PHOSPHATE 'C9 H13 N2 O8 P'
SAH non-polymer S-ADENOSYL-L-HOMOCYSTEINE 'C14 H20 N6 O5 S'
#
# COMPACT_ATOMS: atom_id res chain seq x y z
N GLU A 2 -15.03 -19.19 39.67
CA GLU A 2 -15.51 -20.41 39.03
C GLU A 2 -14.89 -20.60 37.66
N LYS A 3 -15.68 -20.38 36.61
CA LYS A 3 -15.22 -20.67 35.26
C LYS A 3 -15.97 -19.79 34.26
N ARG A 4 -15.29 -18.80 33.70
CA ARG A 4 -15.74 -18.13 32.50
C ARG A 4 -15.22 -18.88 31.28
N LYS A 5 -16.01 -18.87 30.22
CA LYS A 5 -15.61 -19.59 29.02
C LYS A 5 -15.26 -18.62 27.90
N PRO A 6 -14.38 -19.02 26.98
CA PRO A 6 -14.05 -18.14 25.85
C PRO A 6 -15.28 -17.82 25.03
N ILE A 7 -15.23 -16.68 24.34
CA ILE A 7 -16.38 -16.12 23.64
C ILE A 7 -16.48 -16.74 22.25
N ARG A 8 -17.72 -17.00 21.82
CA ARG A 8 -18.01 -17.51 20.49
C ARG A 8 -18.75 -16.41 19.72
N VAL A 9 -18.21 -16.02 18.57
CA VAL A 9 -18.62 -14.79 17.89
C VAL A 9 -19.03 -15.10 16.47
N LEU A 10 -20.11 -14.46 16.03
CA LEU A 10 -20.56 -14.42 14.65
C LEU A 10 -20.51 -12.97 14.20
N SER A 11 -19.75 -12.68 13.14
CA SER A 11 -19.59 -11.30 12.67
C SER A 11 -19.97 -11.25 11.20
N LEU A 12 -21.09 -10.58 10.89
CA LEU A 12 -21.60 -10.49 9.52
C LEU A 12 -21.08 -9.24 8.86
N PHE A 13 -20.70 -9.35 7.57
CA PHE A 13 -20.07 -8.24 6.85
C PHE A 13 -18.81 -7.78 7.60
N ASP A 14 -17.90 -8.75 7.80
CA ASP A 14 -16.81 -8.58 8.76
C ASP A 14 -15.82 -7.50 8.35
N GLY A 15 -15.60 -7.30 7.05
CA GLY A 15 -14.65 -6.28 6.63
C GLY A 15 -13.23 -6.69 6.99
N ILE A 16 -12.53 -5.83 7.73
CA ILE A 16 -11.14 -6.08 8.09
C ILE A 16 -11.04 -6.54 9.53
N ALA A 17 -12.09 -7.20 10.02
CA ALA A 17 -12.05 -7.96 11.27
C ALA A 17 -11.83 -7.07 12.50
N THR A 18 -12.43 -5.87 12.47
CA THR A 18 -12.29 -4.95 13.59
C THR A 18 -12.79 -5.56 14.89
N GLY A 19 -13.89 -6.33 14.81
CA GLY A 19 -14.42 -6.95 16.02
C GLY A 19 -13.41 -7.86 16.69
N LEU A 20 -12.79 -8.75 15.92
CA LEU A 20 -11.79 -9.64 16.48
C LEU A 20 -10.61 -8.86 17.04
N LEU A 21 -10.18 -7.81 16.32
CA LEU A 21 -9.08 -6.98 16.81
C LEU A 21 -9.39 -6.40 18.19
N VAL A 22 -10.62 -5.91 18.38
CA VAL A 22 -10.99 -5.29 19.65
C VAL A 22 -11.08 -6.33 20.76
N LEU A 23 -11.64 -7.51 20.45
CA LEU A 23 -11.75 -8.56 21.46
C LEU A 23 -10.38 -9.00 21.96
N LYS A 24 -9.41 -9.11 21.05
CA LYS A 24 -8.07 -9.55 21.45
C LYS A 24 -7.41 -8.53 22.36
N ASP A 25 -7.50 -7.24 22.01
CA ASP A 25 -6.81 -6.20 22.75
C ASP A 25 -7.50 -5.85 24.06
N LEU A 26 -8.76 -6.22 24.24
CA LEU A 26 -9.37 -6.19 25.56
C LEU A 26 -8.98 -7.40 26.40
N GLY A 27 -8.39 -8.42 25.79
CA GLY A 27 -7.95 -9.59 26.52
C GLY A 27 -8.98 -10.69 26.65
N ILE A 28 -10.02 -10.68 25.83
CA ILE A 28 -11.08 -11.68 25.90
C ILE A 28 -10.66 -12.89 25.05
N GLN A 29 -10.55 -14.05 25.69
CA GLN A 29 -10.29 -15.27 24.96
C GLN A 29 -11.43 -15.57 24.00
N VAL A 30 -11.09 -15.85 22.74
CA VAL A 30 -12.07 -16.07 21.69
C VAL A 30 -12.03 -17.55 21.32
N ASP A 31 -13.15 -18.24 21.50
CA ASP A 31 -13.25 -19.64 21.10
C ASP A 31 -13.41 -19.75 19.59
N ARG A 32 -14.43 -19.12 19.04
CA ARG A 32 -14.70 -19.13 17.61
C ARG A 32 -14.99 -17.72 17.13
N TYR A 33 -14.52 -17.39 15.93
CA TYR A 33 -14.82 -16.13 15.26
C TYR A 33 -15.16 -16.46 13.81
N ILE A 34 -16.45 -16.62 13.55
CA ILE A 34 -16.94 -17.00 12.22
C ILE A 34 -17.38 -15.73 11.52
N ALA A 35 -16.80 -15.47 10.34
CA ALA A 35 -16.98 -14.20 9.67
C ALA A 35 -17.61 -14.41 8.30
N SER A 36 -18.59 -13.56 7.99
CA SER A 36 -19.22 -13.51 6.68
C SER A 36 -18.66 -12.30 5.93
N GLU A 37 -18.10 -12.54 4.74
CA GLU A 37 -17.43 -11.50 3.97
C GLU A 37 -17.15 -12.04 2.57
N VAL A 38 -17.11 -11.14 1.58
CA VAL A 38 -16.84 -11.54 0.21
C VAL A 38 -15.77 -10.70 -0.47
N CYS A 39 -15.41 -9.53 0.04
CA CYS A 39 -14.30 -8.77 -0.53
C CYS A 39 -12.99 -9.50 -0.26
N GLU A 40 -12.27 -9.87 -1.32
CA GLU A 40 -11.06 -10.67 -1.13
C GLU A 40 -9.94 -9.85 -0.49
N ASP A 41 -9.93 -8.53 -0.69
CA ASP A 41 -8.98 -7.69 0.02
C ASP A 41 -9.30 -7.65 1.52
N SER A 42 -10.59 -7.64 1.85
CA SER A 42 -11.01 -7.71 3.25
C SER A 42 -10.57 -9.04 3.87
N ILE A 43 -10.85 -10.14 3.18
CA ILE A 43 -10.55 -11.47 3.72
C ILE A 43 -9.06 -11.64 3.91
N THR A 44 -8.25 -11.08 3.00
CA THR A 44 -6.80 -11.19 3.12
C THR A 44 -6.28 -10.50 4.37
N VAL A 45 -6.79 -9.31 4.67
CA VAL A 45 -6.36 -8.59 5.88
C VAL A 45 -6.62 -9.43 7.11
N GLY A 46 -7.87 -9.86 7.29
CA GLY A 46 -8.21 -10.66 8.46
C GLY A 46 -7.43 -11.97 8.53
N MET A 47 -7.30 -12.66 7.40
CA MET A 47 -6.54 -13.91 7.38
C MET A 47 -5.08 -13.67 7.80
N VAL A 48 -4.48 -12.57 7.34
CA VAL A 48 -3.09 -12.29 7.68
C VAL A 48 -2.97 -11.76 9.11
N ARG A 49 -3.76 -10.72 9.43
CA ARG A 49 -3.58 -10.02 10.70
C ARG A 49 -3.99 -10.86 11.90
N HIS A 50 -4.73 -11.94 11.69
CA HIS A 50 -5.16 -12.78 12.81
C HIS A 50 -4.75 -14.24 12.61
N GLN A 51 -3.80 -14.49 11.70
CA GLN A 51 -3.05 -15.74 11.58
C GLN A 51 -3.95 -16.96 11.47
N GLY A 52 -5.05 -16.82 10.74
CA GLY A 52 -5.90 -17.96 10.44
C GLY A 52 -6.93 -18.31 11.48
N LYS A 53 -7.12 -17.48 12.51
CA LYS A 53 -8.13 -17.79 13.52
C LYS A 53 -9.55 -17.60 12.97
N ILE A 54 -9.74 -16.68 12.02
CA ILE A 54 -11.07 -16.39 11.51
C ILE A 54 -11.52 -17.52 10.59
N MET A 55 -12.72 -18.03 10.82
CA MET A 55 -13.36 -18.99 9.92
C MET A 55 -14.25 -18.21 8.97
N TYR A 56 -13.84 -18.11 7.70
CA TYR A 56 -14.60 -17.38 6.70
C TYR A 56 -15.60 -18.31 6.03
N VAL A 57 -16.83 -17.83 5.85
CA VAL A 57 -17.92 -18.64 5.34
C VAL A 57 -18.59 -18.02 4.12
N GLY A 58 -18.02 -16.95 3.57
CA GLY A 58 -18.47 -16.44 2.30
C GLY A 58 -19.69 -15.53 2.38
N ASP A 59 -20.50 -15.59 1.32
CA ASP A 59 -21.66 -14.72 1.19
C ASP A 59 -22.64 -14.95 2.34
N VAL A 60 -23.09 -13.85 2.96
CA VAL A 60 -24.05 -13.93 4.05
C VAL A 60 -25.36 -14.56 3.58
N ARG A 61 -25.68 -14.45 2.29
CA ARG A 61 -26.91 -15.03 1.78
C ARG A 61 -26.83 -16.54 1.68
N SER A 62 -25.62 -17.11 1.72
CA SER A 62 -25.45 -18.56 1.70
C SER A 62 -25.60 -19.19 3.08
N VAL A 63 -25.69 -18.39 4.13
CA VAL A 63 -25.73 -18.92 5.50
C VAL A 63 -27.15 -19.30 5.84
N THR A 64 -27.38 -20.59 6.12
CA THR A 64 -28.68 -21.12 6.47
C THR A 64 -28.83 -21.20 7.98
N GLN A 65 -30.07 -21.40 8.43
CA GLN A 65 -30.28 -21.67 9.86
C GLN A 65 -29.57 -22.95 10.29
N LYS A 66 -29.56 -23.95 9.42
CA LYS A 66 -28.82 -25.18 9.71
C LYS A 66 -27.34 -24.90 9.90
N HIS A 67 -26.80 -23.91 9.19
CA HIS A 67 -25.41 -23.52 9.39
C HIS A 67 -25.22 -22.89 10.76
N ILE A 68 -26.15 -22.02 11.17
CA ILE A 68 -26.04 -21.36 12.47
C ILE A 68 -26.16 -22.39 13.60
N GLN A 69 -26.93 -23.45 13.39
CA GLN A 69 -27.07 -24.48 14.41
C GLN A 69 -25.77 -25.25 14.62
N GLU A 70 -25.12 -25.63 13.52
CA GLU A 70 -23.91 -26.45 13.65
C GLU A 70 -22.69 -25.61 14.01
N TRP A 71 -22.59 -24.39 13.48
CA TRP A 71 -21.45 -23.53 13.81
C TRP A 71 -21.54 -23.00 15.22
N GLY A 72 -22.75 -22.88 15.77
CA GLY A 72 -22.96 -22.29 17.07
C GLY A 72 -22.67 -23.26 18.19
N PRO A 73 -23.12 -22.94 19.41
CA PRO A 73 -23.86 -21.72 19.76
C PRO A 73 -22.99 -20.46 19.75
N PHE A 74 -23.62 -19.29 19.64
CA PHE A 74 -22.92 -18.02 19.58
C PHE A 74 -23.28 -17.16 20.78
N ASP A 75 -22.30 -16.44 21.30
CA ASP A 75 -22.50 -15.51 22.40
C ASP A 75 -22.60 -14.07 21.95
N LEU A 76 -22.04 -13.76 20.78
CA LEU A 76 -21.98 -12.38 20.29
C LEU A 76 -22.20 -12.39 18.78
N VAL A 77 -23.14 -11.56 18.33
CA VAL A 77 -23.45 -11.39 16.91
C VAL A 77 -23.23 -9.92 16.57
N ILE A 78 -22.36 -9.65 15.61
CA ILE A 78 -22.00 -8.29 15.27
C ILE A 78 -22.00 -8.12 13.76
N GLY A 79 -22.28 -6.91 13.30
CA GLY A 79 -22.30 -6.65 11.88
C GLY A 79 -22.67 -5.20 11.59
N GLY A 80 -22.36 -4.80 10.35
CA GLY A 80 -22.76 -3.53 9.81
C GLY A 80 -22.90 -3.66 8.30
N SER A 81 -24.13 -3.81 7.82
CA SER A 81 -24.36 -4.06 6.41
C SER A 81 -24.00 -2.83 5.57
N PRO A 82 -23.78 -3.02 4.27
CA PRO A 82 -23.40 -1.88 3.41
C PRO A 82 -24.40 -0.74 3.47
N CYS A 83 -23.88 0.48 3.34
CA CYS A 83 -24.66 1.69 3.47
C CYS A 83 -24.73 2.50 2.17
N ASN A 84 -24.15 1.99 1.08
CA ASN A 84 -24.08 2.78 -0.15
C ASN A 84 -25.45 2.96 -0.81
N ASP A 85 -26.47 2.24 -0.39
CA ASP A 85 -27.84 2.47 -0.84
C ASP A 85 -28.71 3.05 0.25
N LEU A 86 -28.12 3.47 1.37
CA LEU A 86 -28.85 4.10 2.47
C LEU A 86 -28.42 5.54 2.71
N SER A 87 -27.13 5.85 2.55
CA SER A 87 -26.63 7.18 2.89
C SER A 87 -27.05 8.20 1.83
N ILE A 88 -27.51 9.37 2.30
CA ILE A 88 -28.02 10.40 1.40
C ILE A 88 -26.93 10.99 0.52
N VAL A 89 -25.65 10.77 0.87
CA VAL A 89 -24.55 11.26 0.04
C VAL A 89 -24.60 10.66 -1.36
N ASN A 90 -25.31 9.54 -1.54
CA ASN A 90 -25.45 8.92 -2.85
C ASN A 90 -26.74 9.39 -3.50
N PRO A 91 -26.68 10.20 -4.56
CA PRO A 91 -27.93 10.61 -5.23
C PRO A 91 -28.67 9.46 -5.90
N ALA A 92 -28.00 8.36 -6.21
CA ALA A 92 -28.61 7.22 -6.88
C ALA A 92 -28.94 6.07 -5.93
N ARG A 93 -29.10 6.36 -4.64
CA ARG A 93 -29.35 5.30 -3.67
C ARG A 93 -30.68 4.61 -3.95
N LYS A 94 -30.70 3.29 -3.75
CA LYS A 94 -31.87 2.48 -4.06
C LYS A 94 -32.74 2.17 -2.84
N GLY A 95 -32.29 2.54 -1.65
CA GLY A 95 -33.10 2.36 -0.46
C GLY A 95 -32.85 1.04 0.23
N LEU A 96 -33.63 0.83 1.30
CA LEU A 96 -33.45 -0.33 2.16
C LEU A 96 -33.90 -1.64 1.53
N TYR A 97 -34.81 -1.60 0.54
CA TYR A 97 -35.43 -2.81 0.01
C TYR A 97 -34.88 -3.24 -1.34
N GLU A 98 -33.90 -2.53 -1.89
CA GLU A 98 -33.29 -2.90 -3.16
C GLU A 98 -31.78 -2.74 -3.05
N GLY A 99 -31.08 -3.08 -4.13
CA GLY A 99 -29.63 -2.97 -4.17
C GLY A 99 -28.97 -3.75 -3.05
N THR A 100 -27.91 -3.17 -2.49
CA THR A 100 -27.26 -3.73 -1.31
C THR A 100 -27.97 -3.35 -0.01
N GLY A 101 -28.94 -2.44 -0.08
CA GLY A 101 -29.67 -2.07 1.13
C GLY A 101 -30.39 -3.25 1.76
N ARG A 102 -30.95 -4.13 0.94
CA ARG A 102 -31.67 -5.28 1.47
C ARG A 102 -30.77 -6.29 2.16
N LEU A 103 -29.44 -6.14 2.05
CA LEU A 103 -28.54 -7.00 2.80
C LEU A 103 -28.70 -6.81 4.31
N PHE A 104 -29.28 -5.70 4.76
CA PHE A 104 -29.59 -5.54 6.17
C PHE A 104 -30.47 -6.68 6.67
N PHE A 105 -31.46 -7.08 5.86
CA PHE A 105 -32.38 -8.14 6.27
C PHE A 105 -31.68 -9.48 6.45
N GLU A 106 -30.54 -9.68 5.79
CA GLU A 106 -29.76 -10.89 6.05
C GLU A 106 -29.19 -10.87 7.47
N PHE A 107 -28.82 -9.69 7.97
CA PHE A 107 -28.42 -9.59 9.37
C PHE A 107 -29.60 -9.90 10.28
N TYR A 108 -30.72 -9.20 10.08
CA TYR A 108 -31.92 -9.44 10.88
C TYR A 108 -32.31 -10.91 10.85
N ARG A 109 -32.07 -11.59 9.73
CA ARG A 109 -32.45 -13.00 9.63
C ARG A 109 -31.54 -13.88 10.46
N LEU A 110 -30.22 -13.73 10.30
CA LEU A 110 -29.29 -14.59 11.03
C LEU A 110 -29.24 -14.25 12.51
N LEU A 111 -29.53 -13.00 12.87
CA LEU A 111 -29.67 -12.64 14.28
C LEU A 111 -30.76 -13.48 14.94
N HIS A 112 -31.91 -13.58 14.29
CA HIS A 112 -32.98 -14.43 14.80
C HIS A 112 -32.55 -15.89 14.85
N ASP A 113 -31.88 -16.37 13.79
CA ASP A 113 -31.45 -17.76 13.74
C ASP A 113 -30.48 -18.10 14.87
N ALA A 114 -29.76 -17.11 15.39
CA ALA A 114 -28.73 -17.35 16.40
C ALA A 114 -29.22 -17.15 17.83
N ARG A 115 -30.39 -16.57 18.03
CA ARG A 115 -30.87 -16.32 19.38
C ARG A 115 -31.11 -17.65 20.09
N PRO A 116 -30.81 -17.73 21.39
CA PRO A 116 -31.11 -18.95 22.13
C PRO A 116 -32.61 -19.22 22.19
N LYS A 117 -32.97 -20.49 22.16
CA LYS A 117 -34.37 -20.88 22.26
C LYS A 117 -34.96 -20.36 23.57
N GLU A 118 -36.23 -19.95 23.53
CA GLU A 118 -36.87 -19.43 24.73
C GLU A 118 -36.88 -20.47 25.82
N GLY A 119 -36.64 -20.03 27.05
CA GLY A 119 -36.36 -20.91 28.16
C GLY A 119 -34.89 -20.98 28.53
N ASP A 120 -34.01 -20.47 27.68
CA ASP A 120 -32.59 -20.40 27.96
C ASP A 120 -32.25 -19.00 28.48
N ASP A 121 -31.40 -18.95 29.51
CA ASP A 121 -31.03 -17.71 30.15
C ASP A 121 -29.62 -17.24 29.81
N ARG A 122 -28.84 -18.04 29.08
CA ARG A 122 -27.43 -17.76 28.91
C ARG A 122 -27.22 -16.39 28.27
N PRO A 123 -26.13 -15.71 28.60
CA PRO A 123 -25.86 -14.39 28.02
C PRO A 123 -25.75 -14.46 26.51
N PHE A 124 -26.42 -13.54 25.83
CA PHE A 124 -26.36 -13.43 24.37
C PHE A 124 -26.40 -11.96 24.01
N PHE A 125 -25.38 -11.49 23.30
CA PHE A 125 -25.21 -10.09 22.98
C PHE A 125 -25.15 -9.90 21.47
N TRP A 126 -25.63 -8.74 21.02
CA TRP A 126 -25.57 -8.42 19.60
C TRP A 126 -25.35 -6.93 19.41
N LEU A 127 -24.90 -6.58 18.21
CA LEU A 127 -24.58 -5.19 17.87
C LEU A 127 -24.71 -5.00 16.38
N PHE A 128 -25.48 -4.01 15.96
CA PHE A 128 -25.61 -3.65 14.55
C PHE A 128 -25.33 -2.17 14.39
N GLU A 129 -24.47 -1.83 13.44
CA GLU A 129 -24.07 -0.46 13.16
C GLU A 129 -24.47 -0.06 11.75
N ASN A 130 -24.86 1.19 11.58
CA ASN A 130 -24.96 1.80 10.26
C ASN A 130 -24.83 3.31 10.41
N VAL A 131 -25.07 4.03 9.32
CA VAL A 131 -24.76 5.45 9.25
C VAL A 131 -25.93 6.26 9.79
N VAL A 132 -25.62 7.44 10.31
CA VAL A 132 -26.65 8.36 10.77
C VAL A 132 -27.34 9.02 9.59
N ALA A 133 -26.59 9.32 8.54
CA ALA A 133 -27.09 10.08 7.38
C ALA A 133 -27.87 9.18 6.42
N MET A 134 -28.89 8.51 6.97
CA MET A 134 -29.79 7.70 6.17
C MET A 134 -31.19 8.32 6.23
N GLY A 135 -32.05 7.87 5.30
CA GLY A 135 -33.41 8.38 5.27
C GLY A 135 -34.14 8.13 6.59
N VAL A 136 -35.12 8.98 6.87
CA VAL A 136 -35.81 8.90 8.15
C VAL A 136 -36.67 7.66 8.24
N SER A 137 -37.18 7.17 7.11
CA SER A 137 -37.99 5.95 7.11
C SER A 137 -37.13 4.70 7.03
N ASP A 138 -35.94 4.79 6.44
CA ASP A 138 -35.00 3.67 6.50
C ASP A 138 -34.56 3.43 7.94
N LYS A 139 -34.33 4.50 8.71
CA LYS A 139 -34.00 4.34 10.12
C LYS A 139 -35.15 3.72 10.89
N ARG A 140 -36.38 4.12 10.56
CA ARG A 140 -37.55 3.57 11.24
C ARG A 140 -37.72 2.10 10.96
N ASP A 141 -37.46 1.67 9.72
CA ASP A 141 -37.68 0.27 9.36
C ASP A 141 -36.62 -0.64 9.98
N ILE A 142 -35.39 -0.16 10.10
CA ILE A 142 -34.35 -0.94 10.76
C ILE A 142 -34.67 -1.11 12.24
N SER A 143 -35.21 -0.07 12.88
CA SER A 143 -35.53 -0.14 14.30
C SER A 143 -36.73 -1.05 14.57
N ARG A 144 -37.69 -1.12 13.64
CA ARG A 144 -38.83 -2.00 13.82
C ARG A 144 -38.47 -3.46 13.56
N PHE A 145 -37.52 -3.71 12.66
CA PHE A 145 -37.07 -5.07 12.42
C PHE A 145 -36.15 -5.58 13.53
N LEU A 146 -35.36 -4.69 14.13
CA LEU A 146 -34.52 -5.06 15.26
C LEU A 146 -35.21 -4.84 16.61
N GLU A 147 -36.38 -4.18 16.63
CA GLU A 147 -37.14 -3.95 17.85
C GLU A 147 -36.33 -3.20 18.90
N SER A 148 -35.60 -2.20 18.45
CA SER A 148 -34.74 -1.41 19.32
C SER A 148 -34.52 -0.07 18.65
N ASN A 149 -34.33 0.95 19.46
CA ASN A 149 -33.86 2.17 18.86
C ASN A 149 -32.36 2.28 19.01
N PRO A 150 -31.68 2.97 18.10
CA PRO A 150 -30.21 3.02 18.14
C PRO A 150 -29.72 4.12 19.07
N VAL A 151 -28.44 4.00 19.43
CA VAL A 151 -27.71 5.06 20.11
C VAL A 151 -26.76 5.69 19.09
N MET A 152 -26.72 7.02 19.09
CA MET A 152 -25.79 7.74 18.22
C MET A 152 -24.49 7.96 18.97
N ILE A 153 -23.40 7.38 18.45
CA ILE A 153 -22.06 7.61 18.97
C ILE A 153 -21.22 8.21 17.85
N ASP A 154 -20.58 9.33 18.13
CA ASP A 154 -19.66 9.98 17.21
C ASP A 154 -18.23 9.72 17.69
N ALA A 155 -17.40 9.23 16.77
CA ALA A 155 -16.01 8.91 17.11
C ALA A 155 -15.18 10.15 17.43
N LYS A 156 -15.70 11.35 17.23
CA LYS A 156 -14.91 12.56 17.46
C LYS A 156 -14.61 12.78 18.94
N GLU A 157 -15.33 12.10 19.84
CA GLU A 157 -15.07 12.26 21.26
C GLU A 157 -13.95 11.35 21.76
N VAL A 158 -13.55 10.33 20.99
CA VAL A 158 -12.45 9.46 21.40
C VAL A 158 -11.51 9.24 20.22
N SER A 159 -11.57 10.09 19.21
CA SER A 159 -10.70 9.97 18.06
C SER A 159 -10.53 11.33 17.38
N ALA A 160 -9.67 11.36 16.37
CA ALA A 160 -9.35 12.57 15.63
C ALA A 160 -10.24 12.79 14.41
N ALA A 161 -11.33 12.04 14.28
CA ALA A 161 -12.19 12.14 13.10
C ALA A 161 -13.65 12.17 13.52
N HIS A 162 -14.42 12.98 12.82
CA HIS A 162 -15.87 12.88 12.90
C HIS A 162 -16.32 11.56 12.26
N ARG A 163 -17.24 10.87 12.94
CA ARG A 163 -17.84 9.66 12.38
C ARG A 163 -19.08 9.36 13.23
N ALA A 164 -20.20 9.97 12.85
CA ALA A 164 -21.47 9.79 13.54
C ALA A 164 -22.15 8.53 13.01
N ARG A 165 -22.30 7.54 13.88
CA ARG A 165 -22.86 6.24 13.51
C ARG A 165 -24.00 5.87 14.45
N TYR A 166 -24.97 5.14 13.91
CA TYR A 166 -26.05 4.56 14.71
C TYR A 166 -25.67 3.16 15.15
N PHE A 167 -26.02 2.81 16.39
CA PHE A 167 -25.73 1.49 16.92
C PHE A 167 -26.98 0.90 17.57
N TRP A 168 -27.47 -0.19 17.01
CA TRP A 168 -28.48 -1.04 17.63
C TRP A 168 -27.79 -2.21 18.32
N GLY A 169 -28.33 -2.63 19.46
CA GLY A 169 -27.79 -3.78 20.14
C GLY A 169 -28.32 -3.86 21.57
N ASN A 170 -27.69 -4.76 22.34
CA ASN A 170 -28.07 -4.95 23.74
C ASN A 170 -26.86 -5.08 24.64
N LEU A 171 -25.69 -4.64 24.19
CA LEU A 171 -24.50 -4.71 25.03
C LEU A 171 -24.72 -3.90 26.31
N PRO A 172 -24.20 -4.36 27.44
CA PRO A 172 -24.38 -3.61 28.70
C PRO A 172 -23.80 -2.20 28.57
N GLY A 173 -24.60 -1.22 28.95
CA GLY A 173 -24.15 0.16 28.97
C GLY A 173 -23.96 0.81 27.63
N MET A 174 -24.69 0.37 26.60
CA MET A 174 -24.53 0.94 25.26
C MET A 174 -24.80 2.44 25.24
N ASN A 175 -25.68 2.91 26.11
CA ASN A 175 -26.10 4.30 26.14
C ASN A 175 -25.33 5.16 27.12
N ARG A 176 -24.39 4.57 27.88
CA ARG A 176 -23.68 5.31 28.89
C ARG A 176 -22.73 6.33 28.25
N PRO A 177 -22.40 7.41 28.97
CA PRO A 177 -21.53 8.44 28.38
C PRO A 177 -20.17 7.87 27.98
N LEU A 178 -19.72 8.26 26.79
CA LEU A 178 -18.44 7.83 26.27
C LEU A 178 -17.36 8.77 26.78
N ALA A 179 -16.41 8.24 27.55
CA ALA A 179 -15.33 9.02 28.13
C ALA A 179 -14.02 8.68 27.43
N SER A 180 -13.27 9.71 27.05
CA SER A 180 -11.94 9.49 26.52
C SER A 180 -11.04 8.92 27.61
N THR A 181 -10.21 7.95 27.23
CA THR A 181 -9.23 7.36 28.11
C THR A 181 -7.83 7.81 27.69
N VAL A 182 -6.86 7.62 28.59
CA VAL A 182 -5.52 8.15 28.39
C VAL A 182 -4.82 7.58 27.17
N ASN A 183 -5.34 6.52 26.56
CA ASN A 183 -4.75 5.93 25.38
C ASN A 183 -5.38 6.40 24.08
N ASP A 184 -6.36 7.31 24.16
CA ASP A 184 -7.00 7.84 22.95
C ASP A 184 -6.17 8.98 22.37
N LYS A 185 -6.08 9.01 21.04
CA LYS A 185 -5.45 10.11 20.32
C LYS A 185 -6.56 11.02 19.81
N LEU A 186 -6.84 12.08 20.56
CA LEU A 186 -8.00 12.92 20.30
C LEU A 186 -7.76 13.97 19.24
N GLU A 187 -6.52 14.22 18.83
CA GLU A 187 -6.24 15.26 17.85
C GLU A 187 -5.36 14.72 16.74
N LEU A 188 -5.54 15.30 15.55
CA LEU A 188 -4.90 14.81 14.33
C LEU A 188 -3.38 14.79 14.46
N GLN A 189 -2.80 15.68 15.27
CA GLN A 189 -1.35 15.75 15.37
C GLN A 189 -0.77 14.45 15.91
N GLU A 190 -1.46 13.80 16.87
CA GLU A 190 -0.93 12.61 17.51
C GLU A 190 -0.87 11.40 16.58
N CYS A 191 -1.54 11.43 15.43
CA CYS A 191 -1.59 10.32 14.50
C CYS A 191 -0.69 10.50 13.29
N LEU A 192 0.03 11.61 13.19
CA LEU A 192 0.88 11.87 12.04
C LEU A 192 2.25 11.21 12.22
N GLU A 193 2.92 10.98 11.10
CA GLU A 193 4.29 10.50 11.13
C GLU A 193 5.24 11.67 11.39
N HIS A 194 6.45 11.34 11.85
CA HIS A 194 7.40 12.36 12.31
C HIS A 194 7.68 13.37 11.21
N GLY A 195 7.79 14.64 11.62
CA GLY A 195 8.08 15.73 10.72
C GLY A 195 6.89 16.35 10.02
N ARG A 196 5.67 15.92 10.34
CA ARG A 196 4.47 16.43 9.70
C ARG A 196 3.61 17.16 10.72
N ILE A 197 3.02 18.27 10.29
CA ILE A 197 2.25 19.17 11.16
C ILE A 197 0.82 19.23 10.65
N ALA A 198 -0.14 19.13 11.57
CA ALA A 198 -1.55 19.15 11.22
C ALA A 198 -2.11 20.56 11.26
N LYS A 199 -2.87 20.92 10.23
CA LYS A 199 -3.63 22.17 10.26
C LYS A 199 -4.77 22.09 11.27
N PHE A 200 -5.66 21.13 11.08
CA PHE A 200 -6.86 20.99 11.87
C PHE A 200 -6.65 19.99 13.01
N SER A 201 -7.45 20.14 14.06
CA SER A 201 -7.43 19.22 15.19
C SER A 201 -8.20 17.94 14.90
N LYS A 202 -9.26 18.02 14.08
CA LYS A 202 -10.07 16.87 13.75
C LYS A 202 -10.44 16.95 12.28
N VAL A 203 -10.48 15.79 11.64
CA VAL A 203 -10.83 15.66 10.24
C VAL A 203 -12.31 15.32 10.16
N ARG A 204 -12.95 15.76 9.08
CA ARG A 204 -14.33 15.35 8.82
C ARG A 204 -14.35 13.87 8.41
N THR A 205 -15.57 13.36 8.17
CA THR A 205 -15.75 11.93 7.98
C THR A 205 -14.94 11.39 6.81
N ILE A 206 -14.22 10.30 7.05
CA ILE A 206 -13.40 9.65 6.04
C ILE A 206 -14.24 8.56 5.38
N THR A 207 -14.59 8.77 4.11
CA THR A 207 -15.28 7.77 3.33
C THR A 207 -14.28 7.06 2.43
N THR A 208 -14.78 6.24 1.51
CA THR A 208 -13.91 5.53 0.57
C THR A 208 -13.29 6.50 -0.45
N ARG A 209 -13.98 7.59 -0.76
N ARG A 209 -13.98 7.59 -0.75
CA ARG A 209 -13.53 8.47 -1.82
CA ARG A 209 -13.55 8.52 -1.78
C ARG A 209 -12.46 9.43 -1.31
C ARG A 209 -12.42 9.40 -1.27
N SER A 210 -11.52 9.76 -2.19
CA SER A 210 -10.37 10.60 -1.81
C SER A 210 -10.75 12.06 -1.54
N ASN A 211 -11.93 12.45 -1.99
CA ASN A 211 -12.39 13.83 -1.77
C ASN A 211 -12.62 14.03 -0.27
N SER A 212 -13.03 12.97 0.44
CA SER A 212 -13.43 13.06 1.84
C SER A 212 -12.28 13.50 2.74
N ILE A 213 -11.04 13.34 2.28
CA ILE A 213 -9.90 13.89 3.02
C ILE A 213 -9.88 15.40 2.89
N LYS A 214 -10.28 15.92 1.74
CA LYS A 214 -10.33 17.36 1.52
C LYS A 214 -11.38 17.99 2.41
N GLN A 215 -11.08 19.17 2.92
CA GLN A 215 -11.85 19.83 3.96
C GLN A 215 -12.71 20.91 3.34
N GLY A 216 -14.02 20.74 3.40
CA GLY A 216 -14.97 21.75 2.96
C GLY A 216 -15.38 21.54 1.52
N LYS A 217 -16.24 22.46 1.05
CA LYS A 217 -16.59 22.47 -0.37
C LYS A 217 -15.35 22.71 -1.22
N ASP A 218 -14.61 23.77 -0.91
CA ASP A 218 -13.27 23.92 -1.42
C ASP A 218 -12.40 22.81 -0.85
N GLN A 219 -11.58 22.20 -1.70
CA GLN A 219 -10.67 21.14 -1.26
C GLN A 219 -9.72 21.70 -0.20
N HIS A 220 -9.36 20.88 0.78
CA HIS A 220 -8.38 21.33 1.76
C HIS A 220 -7.53 20.18 2.30
N PHE A 221 -6.22 20.39 2.25
CA PHE A 221 -5.23 19.44 2.72
C PHE A 221 -5.01 19.63 4.21
N PRO A 222 -5.14 18.58 5.04
CA PRO A 222 -5.06 18.79 6.49
C PRO A 222 -3.65 18.76 7.07
N VAL A 223 -2.60 18.61 6.28
CA VAL A 223 -1.27 18.46 6.84
C VAL A 223 -0.26 19.37 6.16
N PHE A 224 0.71 19.81 6.95
CA PHE A 224 1.85 20.58 6.50
C PHE A 224 3.09 19.71 6.60
N MET A 225 3.89 19.67 5.53
CA MET A 225 5.17 18.96 5.57
C MET A 225 6.21 19.81 4.86
N ASN A 226 7.17 20.33 5.61
CA ASN A 226 8.18 21.22 5.06
C ASN A 226 7.53 22.31 4.21
N GLU A 227 6.66 23.08 4.89
CA GLU A 227 5.91 24.23 4.35
C GLU A 227 5.05 23.89 3.13
N LYS A 228 4.73 22.61 2.90
CA LYS A 228 3.92 22.23 1.75
C LYS A 228 2.71 21.46 2.24
N GLU A 229 1.57 21.71 1.60
CA GLU A 229 0.35 21.02 1.93
C GLU A 229 0.34 19.63 1.32
N ASP A 230 -0.28 18.70 2.04
CA ASP A 230 -0.35 17.31 1.62
C ASP A 230 -1.67 16.73 2.13
N ILE A 231 -1.98 15.52 1.69
CA ILE A 231 -3.15 14.82 2.19
C ILE A 231 -2.69 13.88 3.30
N LEU A 232 -3.64 13.16 3.91
CA LEU A 232 -3.29 12.14 4.87
C LEU A 232 -2.73 10.91 4.16
N TRP A 233 -1.78 10.25 4.81
CA TRP A 233 -1.27 8.98 4.34
C TRP A 233 -2.09 7.84 4.93
N CYS A 234 -2.03 6.67 4.26
CA CYS A 234 -2.69 5.48 4.78
C CYS A 234 -2.32 5.24 6.23
N THR A 235 -1.02 5.30 6.53
CA THR A 235 -0.54 5.09 7.88
C THR A 235 -1.23 6.02 8.86
N GLU A 236 -1.31 7.31 8.51
CA GLU A 236 -1.95 8.26 9.39
C GLU A 236 -3.45 8.02 9.49
N MET A 237 -4.08 7.55 8.40
CA MET A 237 -5.52 7.27 8.46
C MET A 237 -5.82 6.08 9.35
N GLU A 238 -4.92 5.08 9.36
CA GLU A 238 -5.09 3.96 10.28
C GLU A 238 -5.09 4.41 11.74
N ARG A 239 -4.17 5.31 12.10
CA ARG A 239 -4.12 5.79 13.48
C ARG A 239 -5.31 6.68 13.81
N VAL A 240 -5.83 7.43 12.82
CA VAL A 240 -7.06 8.19 13.03
C VAL A 240 -8.21 7.25 13.36
N PHE A 241 -8.26 6.09 12.70
CA PHE A 241 -9.30 5.11 12.96
C PHE A 241 -9.05 4.29 14.22
N GLY A 242 -7.80 4.22 14.69
CA GLY A 242 -7.47 3.47 15.88
C GLY A 242 -6.81 2.12 15.64
N PHE A 243 -6.55 1.75 14.39
CA PHE A 243 -5.89 0.50 14.08
C PHE A 243 -4.40 0.60 14.36
N PRO A 244 -3.72 -0.54 14.53
CA PRO A 244 -2.25 -0.51 14.53
C PRO A 244 -1.74 -0.01 13.19
N VAL A 245 -0.72 0.84 13.23
CA VAL A 245 -0.15 1.36 11.99
C VAL A 245 0.32 0.20 11.13
N HIS A 246 0.06 0.31 9.83
CA HIS A 246 0.36 -0.69 8.80
C HIS A 246 -0.58 -1.90 8.86
N TYR A 247 -1.71 -1.78 9.56
CA TYR A 247 -2.63 -2.90 9.66
C TYR A 247 -3.15 -3.35 8.29
N THR A 248 -3.35 -2.40 7.36
CA THR A 248 -3.88 -2.70 6.04
C THR A 248 -2.79 -2.81 4.98
N ASP A 249 -1.51 -2.73 5.36
CA ASP A 249 -0.41 -2.82 4.41
C ASP A 249 -0.17 -4.29 4.04
N VAL A 250 -1.11 -4.84 3.27
CA VAL A 250 -1.03 -6.23 2.80
C VAL A 250 -1.51 -6.33 1.36
N SER A 251 -1.06 -7.40 0.70
CA SER A 251 -1.55 -7.81 -0.62
C SER A 251 -1.32 -6.76 -1.70
N ASN A 252 -0.29 -5.92 -1.54
CA ASN A 252 0.09 -4.93 -2.55
C ASN A 252 -1.00 -3.91 -2.80
N MET A 253 -1.85 -3.67 -1.81
CA MET A 253 -2.97 -2.75 -2.00
C MET A 253 -2.48 -1.32 -2.15
N SER A 254 -3.07 -0.61 -3.11
CA SER A 254 -2.80 0.81 -3.27
C SER A 254 -3.36 1.60 -2.11
N HIS A 255 -3.01 2.89 -2.05
CA HIS A 255 -3.51 3.73 -0.98
C HIS A 255 -5.01 3.97 -1.13
N LEU A 256 -5.52 3.97 -2.36
CA LEU A 256 -6.97 4.05 -2.57
C LEU A 256 -7.66 2.76 -2.16
N ALA A 257 -7.05 1.60 -2.44
CA ALA A 257 -7.66 0.34 -2.03
C ALA A 257 -7.71 0.22 -0.51
N ARG A 258 -6.64 0.64 0.18
CA ARG A 258 -6.64 0.60 1.63
C ARG A 258 -7.64 1.59 2.21
N GLN A 259 -7.74 2.78 1.61
CA GLN A 259 -8.72 3.74 2.08
C GLN A 259 -10.14 3.22 1.90
N ARG A 260 -10.38 2.44 0.85
N ARG A 260 -10.37 2.46 0.82
CA ARG A 260 -11.71 1.87 0.65
CA ARG A 260 -11.67 1.82 0.62
C ARG A 260 -12.05 0.85 1.74
C ARG A 260 -12.03 0.90 1.77
N LEU A 261 -11.05 0.22 2.35
CA LEU A 261 -11.31 -0.67 3.48
C LEU A 261 -11.56 0.12 4.75
N LEU A 262 -10.69 1.10 5.04
CA LEU A 262 -10.86 1.94 6.22
C LEU A 262 -12.15 2.74 6.17
N GLY A 263 -12.48 3.28 5.00
CA GLY A 263 -13.68 4.10 4.86
C GLY A 263 -14.97 3.37 5.14
N ARG A 264 -14.96 2.04 5.09
CA ARG A 264 -16.15 1.25 5.34
C ARG A 264 -16.19 0.65 6.74
N SER A 265 -15.14 0.85 7.54
CA SER A 265 -14.97 0.13 8.79
C SER A 265 -15.44 0.96 9.98
N TRP A 266 -15.22 0.43 11.18
CA TRP A 266 -15.61 1.06 12.43
C TRP A 266 -14.43 1.78 13.06
N SER A 267 -14.72 2.85 13.79
CA SER A 267 -13.71 3.47 14.63
C SER A 267 -13.37 2.54 15.80
N VAL A 268 -12.10 2.19 15.94
CA VAL A 268 -11.69 1.20 16.95
C VAL A 268 -12.00 1.66 18.36
N PRO A 269 -11.60 2.86 18.81
CA PRO A 269 -11.93 3.25 20.20
C PRO A 269 -13.41 3.28 20.49
N VAL A 270 -14.26 3.43 19.47
CA VAL A 270 -15.70 3.35 19.69
C VAL A 270 -16.11 1.91 20.01
N ILE A 271 -15.71 0.97 19.14
CA ILE A 271 -15.98 -0.44 19.39
C ILE A 271 -15.35 -0.88 20.71
N ARG A 272 -14.16 -0.35 21.03
CA ARG A 272 -13.52 -0.68 22.29
C ARG A 272 -14.40 -0.31 23.48
N HIS A 273 -15.11 0.82 23.37
CA HIS A 273 -15.97 1.27 24.46
C HIS A 273 -17.24 0.42 24.58
N LEU A 274 -17.76 -0.07 23.45
CA LEU A 274 -18.97 -0.88 23.50
C LEU A 274 -18.71 -2.31 23.96
N PHE A 275 -17.53 -2.86 23.63
CA PHE A 275 -17.19 -4.24 24.00
C PHE A 275 -16.59 -4.37 25.39
N ALA A 276 -16.21 -3.25 26.03
CA ALA A 276 -15.45 -3.35 27.27
C ALA A 276 -16.18 -4.04 28.41
N PRO A 277 -17.49 -3.86 28.64
CA PRO A 277 -18.16 -4.64 29.70
C PRO A 277 -18.31 -6.11 29.38
N LEU A 278 -17.89 -6.58 28.20
CA LEU A 278 -17.98 -8.01 27.90
C LEU A 278 -16.95 -8.83 28.65
N LYS A 279 -15.80 -8.23 29.01
CA LYS A 279 -14.74 -8.98 29.66
C LYS A 279 -15.13 -9.51 31.03
N GLU A 280 -16.30 -9.14 31.54
CA GLU A 280 -16.85 -9.76 32.73
C GLU A 280 -17.67 -11.01 32.43
N TYR A 281 -18.02 -11.23 31.16
CA TYR A 281 -18.88 -12.35 30.79
C TYR A 281 -18.10 -13.54 30.24
N PHE A 282 -16.86 -13.35 29.78
CA PHE A 282 -16.11 -14.41 29.14
C PHE A 282 -14.67 -14.39 29.63
N ALA A 283 -13.97 -15.49 29.40
CA ALA A 283 -12.64 -15.69 29.95
C ALA A 283 -11.66 -14.61 29.49
N CYS A 284 -10.72 -14.27 30.36
CA CYS A 284 -9.72 -13.24 30.12
C CYS A 284 -8.40 -13.88 29.68
N VAL A 285 -7.50 -13.02 29.17
CA VAL A 285 -6.26 -13.41 28.51
C VAL A 285 -5.67 -14.74 28.94
N MET B 1 -44.95 -32.27 13.83
CA MET B 1 -46.06 -33.13 13.47
C MET B 1 -47.40 -32.47 13.81
N PHE B 2 -48.15 -32.09 12.77
CA PHE B 2 -49.43 -31.40 12.94
C PHE B 2 -50.54 -32.44 12.99
N GLU B 3 -50.77 -32.97 14.20
CA GLU B 3 -51.76 -34.01 14.40
C GLU B 3 -53.16 -33.42 14.40
N THR B 4 -54.13 -34.24 13.98
CA THR B 4 -55.53 -33.86 13.96
C THR B 4 -56.26 -34.47 15.15
N VAL B 5 -57.21 -33.73 15.69
CA VAL B 5 -57.96 -34.14 16.88
C VAL B 5 -59.42 -34.32 16.47
N PRO B 6 -60.26 -34.95 17.30
CA PRO B 6 -61.67 -35.16 16.91
C PRO B 6 -62.39 -33.84 16.63
N VAL B 7 -63.62 -33.99 16.15
CA VAL B 7 -64.33 -32.86 15.53
C VAL B 7 -64.84 -31.87 16.58
N TRP B 8 -65.28 -32.34 17.75
CA TRP B 8 -65.96 -31.45 18.69
C TRP B 8 -65.03 -30.46 19.37
N ARG B 9 -63.73 -30.74 19.41
CA ARG B 9 -62.79 -29.85 20.08
C ARG B 9 -62.09 -28.89 19.13
N ARG B 10 -62.47 -28.86 17.86
CA ARG B 10 -61.93 -27.89 16.93
C ARG B 10 -62.59 -26.54 17.14
N GLN B 11 -61.80 -25.48 17.00
CA GLN B 11 -62.24 -24.13 17.31
C GLN B 11 -62.26 -23.26 16.06
N PRO B 12 -63.05 -22.18 16.07
CA PRO B 12 -63.05 -21.27 14.92
C PRO B 12 -61.67 -20.66 14.68
N VAL B 13 -61.27 -20.65 13.41
CA VAL B 13 -59.96 -20.15 13.02
C VAL B 13 -59.85 -18.66 13.35
N ARG B 14 -58.66 -18.25 13.78
CA ARG B 14 -58.35 -16.84 14.04
C ARG B 14 -57.26 -16.42 13.07
N VAL B 15 -57.58 -15.49 12.18
CA VAL B 15 -56.79 -15.22 10.99
C VAL B 15 -56.23 -13.80 11.05
N LEU B 16 -54.92 -13.68 10.87
CA LEU B 16 -54.26 -12.41 10.64
C LEU B 16 -53.87 -12.36 9.15
N SER B 17 -54.52 -11.47 8.41
CA SER B 17 -54.34 -11.38 6.96
C SER B 17 -53.76 -10.01 6.62
N LEU B 18 -52.64 -10.02 5.90
CA LEU B 18 -51.89 -8.80 5.60
C LEU B 18 -51.84 -8.55 4.10
N PHE B 19 -51.94 -7.26 3.72
CA PHE B 19 -51.79 -6.74 2.36
C PHE B 19 -53.03 -7.05 1.51
N GLU B 20 -53.77 -8.08 1.90
CA GLU B 20 -55.00 -8.43 1.21
C GLU B 20 -55.97 -8.99 2.24
N ASP B 21 -57.24 -8.64 2.10
CA ASP B 21 -58.28 -9.23 2.93
C ASP B 21 -58.81 -10.48 2.27
N ILE B 22 -59.07 -11.51 3.08
CA ILE B 22 -59.60 -12.75 2.55
C ILE B 22 -60.84 -13.15 3.35
N LYS B 23 -61.55 -12.16 3.88
CA LYS B 23 -62.79 -12.46 4.60
C LYS B 23 -63.86 -12.98 3.66
N LYS B 24 -63.94 -12.42 2.44
CA LYS B 24 -64.97 -12.84 1.48
C LYS B 24 -64.71 -14.23 0.93
N GLU B 25 -63.49 -14.75 1.07
CA GLU B 25 -63.13 -16.07 0.58
C GLU B 25 -63.25 -17.12 1.66
N LEU B 26 -62.93 -16.76 2.91
CA LEU B 26 -62.91 -17.73 4.00
C LEU B 26 -64.32 -18.22 4.33
N THR B 27 -65.28 -17.30 4.50
CA THR B 27 -66.64 -17.71 4.82
C THR B 27 -67.35 -18.32 3.62
N SER B 28 -66.91 -17.99 2.41
CA SER B 28 -67.41 -18.71 1.24
C SER B 28 -67.15 -20.20 1.36
N LEU B 29 -66.07 -20.57 2.06
CA LEU B 29 -65.80 -21.96 2.42
C LEU B 29 -66.02 -22.23 3.90
N GLY B 30 -66.57 -21.27 4.64
CA GLY B 30 -67.12 -21.53 5.95
C GLY B 30 -66.18 -21.43 7.12
N PHE B 31 -65.13 -20.60 7.04
CA PHE B 31 -64.15 -20.55 8.12
C PHE B 31 -64.57 -19.60 9.23
N LEU B 32 -65.35 -18.57 8.92
CA LEU B 32 -65.87 -17.66 9.94
C LEU B 32 -67.38 -17.73 9.95
N GLU B 33 -67.98 -17.05 10.92
CA GLU B 33 -69.43 -17.07 11.08
C GLU B 33 -70.09 -16.07 10.15
N SER B 34 -71.38 -16.30 9.87
CA SER B 34 -72.14 -15.36 9.08
C SER B 34 -72.35 -14.06 9.86
N GLY B 35 -72.19 -12.94 9.17
CA GLY B 35 -72.39 -11.66 9.82
C GLY B 35 -71.11 -11.16 10.42
N SER B 36 -71.19 -10.61 11.62
CA SER B 36 -70.03 -10.06 12.31
C SER B 36 -69.04 -11.15 12.72
N GLN B 40 -63.50 -13.80 13.98
CA GLN B 40 -62.59 -12.77 14.46
C GLN B 40 -61.28 -12.78 13.69
N LEU B 41 -61.36 -12.37 12.43
CA LEU B 41 -60.20 -12.19 11.57
C LEU B 41 -59.69 -10.76 11.71
N LYS B 42 -58.36 -10.61 11.75
CA LYS B 42 -57.73 -9.30 11.87
C LYS B 42 -56.99 -8.98 10.59
N HIS B 43 -57.35 -7.87 9.96
CA HIS B 43 -56.77 -7.45 8.68
C HIS B 43 -56.11 -6.09 8.84
N VAL B 44 -54.84 -5.99 8.43
CA VAL B 44 -54.13 -4.72 8.44
C VAL B 44 -53.39 -4.57 7.12
N VAL B 45 -53.53 -3.41 6.49
CA VAL B 45 -52.94 -3.16 5.18
C VAL B 45 -51.52 -2.62 5.34
N ASP B 46 -51.39 -1.47 6.01
CA ASP B 46 -50.09 -0.85 6.27
C ASP B 46 -49.57 -1.37 7.61
N VAL B 47 -48.51 -2.15 7.56
CA VAL B 47 -47.94 -2.77 8.75
C VAL B 47 -46.69 -2.04 9.22
N THR B 48 -46.49 -0.78 8.80
CA THR B 48 -45.20 -0.13 8.97
C THR B 48 -44.88 0.14 10.43
N ASP B 49 -45.84 0.65 11.19
CA ASP B 49 -45.63 0.93 12.61
C ASP B 49 -46.33 -0.07 13.51
N THR B 50 -46.45 -1.32 13.04
CA THR B 50 -46.94 -2.43 13.85
C THR B 50 -45.78 -2.98 14.68
N VAL B 51 -45.96 -2.99 15.99
CA VAL B 51 -44.94 -3.47 16.91
C VAL B 51 -45.42 -4.81 17.46
N ARG B 52 -44.50 -5.56 18.08
CA ARG B 52 -44.84 -6.90 18.58
C ARG B 52 -45.99 -6.85 19.58
N LYS B 53 -46.01 -5.84 20.45
CA LYS B 53 -47.09 -5.73 21.44
C LYS B 53 -48.45 -5.62 20.77
N ASP B 54 -48.52 -4.92 19.63
CA ASP B 54 -49.78 -4.80 18.90
C ASP B 54 -50.33 -6.18 18.53
N VAL B 55 -49.46 -7.06 18.03
CA VAL B 55 -49.92 -8.36 17.54
C VAL B 55 -50.42 -9.23 18.70
N GLU B 56 -49.69 -9.23 19.82
CA GLU B 56 -50.07 -10.09 20.94
C GLU B 56 -51.40 -9.67 21.54
N GLU B 57 -51.61 -8.38 21.75
CA GLU B 57 -52.90 -7.91 22.22
C GLU B 57 -54.01 -8.09 21.19
N TRP B 58 -53.67 -8.40 19.94
CA TRP B 58 -54.66 -8.68 18.92
C TRP B 58 -55.14 -10.11 19.01
N GLY B 59 -55.17 -10.67 20.22
CA GLY B 59 -55.51 -12.06 20.43
C GLY B 59 -54.49 -13.00 19.83
N PRO B 60 -54.49 -14.25 20.28
CA PRO B 60 -53.66 -15.26 19.62
C PRO B 60 -54.18 -15.56 18.22
N PHE B 61 -53.29 -16.05 17.37
CA PHE B 61 -53.62 -16.32 15.98
C PHE B 61 -53.34 -17.77 15.64
N ASP B 62 -54.14 -18.31 14.72
CA ASP B 62 -53.99 -19.67 14.22
C ASP B 62 -53.50 -19.74 12.79
N LEU B 63 -53.76 -18.70 12.00
CA LEU B 63 -53.36 -18.66 10.59
C LEU B 63 -52.90 -17.26 10.25
N VAL B 64 -51.66 -17.12 9.78
CA VAL B 64 -51.12 -15.84 9.33
C VAL B 64 -51.02 -15.89 7.82
N TYR B 65 -51.60 -14.88 7.16
CA TYR B 65 -51.70 -14.86 5.71
C TYR B 65 -51.15 -13.55 5.17
N GLY B 66 -50.41 -13.66 4.08
CA GLY B 66 -49.96 -12.48 3.34
C GLY B 66 -49.94 -12.79 1.87
N ALA B 67 -50.10 -11.73 1.07
CA ALA B 67 -50.11 -11.88 -0.38
C ALA B 67 -49.61 -10.59 -1.02
N THR B 68 -48.83 -10.74 -2.08
CA THR B 68 -48.41 -9.58 -2.83
C THR B 68 -49.54 -9.12 -3.76
N PRO B 69 -49.65 -7.81 -3.99
CA PRO B 69 -50.75 -7.30 -4.83
C PRO B 69 -50.71 -7.91 -6.21
N PRO B 70 -51.86 -8.19 -6.81
CA PRO B 70 -51.87 -8.75 -8.16
C PRO B 70 -51.28 -7.78 -9.18
N LEU B 71 -50.89 -8.34 -10.33
CA LEU B 71 -50.27 -7.57 -11.40
C LEU B 71 -51.15 -6.39 -11.82
N GLY B 72 -50.75 -5.18 -11.42
CA GLY B 72 -51.52 -3.99 -11.72
C GLY B 72 -50.82 -2.72 -11.29
N HIS B 73 -51.60 -1.69 -10.97
CA HIS B 73 -51.08 -0.42 -10.52
C HIS B 73 -51.06 -0.28 -8.99
N THR B 74 -51.21 -1.40 -8.26
CA THR B 74 -51.47 -1.40 -6.82
C THR B 74 -50.21 -1.60 -5.97
N CYS B 75 -49.04 -1.67 -6.61
CA CYS B 75 -47.79 -1.94 -5.90
C CYS B 75 -47.04 -0.64 -5.65
N ASP B 76 -47.54 0.11 -4.63
CA ASP B 76 -46.84 1.31 -4.19
C ASP B 76 -45.50 0.96 -3.55
N ARG B 77 -45.46 -0.16 -2.84
CA ARG B 77 -44.25 -0.62 -2.19
C ARG B 77 -43.39 -1.46 -3.14
N PRO B 78 -42.09 -1.52 -2.91
CA PRO B 78 -41.26 -2.47 -3.65
C PRO B 78 -41.71 -3.89 -3.33
N PRO B 79 -41.71 -4.78 -4.33
CA PRO B 79 -42.30 -6.11 -4.13
C PRO B 79 -41.66 -6.92 -3.00
N SER B 80 -40.37 -6.70 -2.70
CA SER B 80 -39.73 -7.38 -1.58
C SER B 80 -40.22 -6.87 -0.24
N TRP B 81 -40.74 -5.64 -0.18
CA TRP B 81 -41.29 -5.10 1.06
C TRP B 81 -42.35 -6.02 1.64
N TYR B 82 -43.22 -6.56 0.79
CA TYR B 82 -44.30 -7.41 1.27
C TYR B 82 -43.77 -8.68 1.92
N LEU B 83 -42.63 -9.19 1.47
CA LEU B 83 -42.08 -10.39 2.07
C LEU B 83 -41.43 -10.11 3.42
N PHE B 84 -40.56 -9.11 3.47
CA PHE B 84 -39.85 -8.81 4.71
C PHE B 84 -40.83 -8.47 5.83
N GLN B 85 -41.80 -7.61 5.54
CA GLN B 85 -42.81 -7.27 6.54
C GLN B 85 -43.60 -8.50 6.97
N PHE B 86 -43.87 -9.41 6.02
CA PHE B 86 -44.55 -10.66 6.36
C PHE B 86 -43.72 -11.47 7.34
N HIS B 87 -42.44 -11.68 7.03
CA HIS B 87 -41.54 -12.41 7.92
C HIS B 87 -41.53 -11.78 9.30
N ARG B 88 -41.41 -10.45 9.37
CA ARG B 88 -41.38 -9.75 10.65
C ARG B 88 -42.62 -10.07 11.48
N LEU B 89 -43.81 -9.83 10.93
CA LEU B 89 -45.03 -10.02 11.70
C LEU B 89 -45.28 -11.49 12.01
N LEU B 90 -44.87 -12.39 11.11
CA LEU B 90 -45.05 -13.82 11.36
C LEU B 90 -44.36 -14.25 12.65
N GLN B 91 -43.13 -13.79 12.87
CA GLN B 91 -42.43 -14.14 14.09
C GLN B 91 -43.09 -13.52 15.31
N TYR B 92 -43.79 -12.39 15.14
CA TYR B 92 -44.55 -11.81 16.26
C TYR B 92 -45.73 -12.69 16.64
N ALA B 93 -46.34 -13.37 15.68
CA ALA B 93 -47.60 -14.09 15.89
C ALA B 93 -47.41 -15.56 16.23
N ARG B 94 -46.19 -16.08 16.18
CA ARG B 94 -45.97 -17.46 16.55
C ARG B 94 -46.25 -17.67 18.03
N PRO B 95 -46.89 -18.77 18.40
CA PRO B 95 -47.04 -19.09 19.83
C PRO B 95 -45.73 -19.62 20.41
N LYS B 96 -45.64 -19.54 21.74
CA LYS B 96 -44.46 -20.03 22.42
C LYS B 96 -44.40 -21.55 22.30
N PRO B 97 -43.20 -22.13 22.06
CA PRO B 97 -43.12 -23.57 21.71
C PRO B 97 -43.69 -24.54 22.73
N GLY B 98 -44.48 -24.07 23.69
CA GLY B 98 -45.08 -24.96 24.67
C GLY B 98 -46.42 -25.54 24.23
N SER B 99 -47.32 -24.70 23.77
CA SER B 99 -48.68 -25.13 23.48
C SER B 99 -48.72 -25.95 22.18
N PRO B 100 -49.64 -26.93 22.10
CA PRO B 100 -49.63 -27.86 20.96
C PRO B 100 -50.71 -27.59 19.92
N ARG B 101 -51.28 -26.39 19.90
CA ARG B 101 -52.32 -26.08 18.93
C ARG B 101 -51.73 -26.00 17.52
N PRO B 102 -52.55 -26.16 16.49
CA PRO B 102 -52.07 -26.03 15.10
C PRO B 102 -51.94 -24.55 14.72
N PHE B 103 -50.74 -24.16 14.30
CA PHE B 103 -50.46 -22.81 13.83
C PHE B 103 -49.94 -22.88 12.40
N PHE B 104 -50.63 -22.19 11.50
CA PHE B 104 -50.28 -22.20 10.09
C PHE B 104 -50.00 -20.78 9.61
N TRP B 105 -49.19 -20.68 8.56
CA TRP B 105 -48.88 -19.43 7.90
C TRP B 105 -48.71 -19.70 6.42
N MET B 106 -48.99 -18.68 5.61
CA MET B 106 -48.85 -18.83 4.17
C MET B 106 -48.60 -17.48 3.51
N PHE B 107 -47.70 -17.47 2.54
CA PHE B 107 -47.40 -16.31 1.72
C PHE B 107 -47.65 -16.66 0.26
N VAL B 108 -48.40 -15.80 -0.44
CA VAL B 108 -48.82 -16.06 -1.82
C VAL B 108 -48.32 -14.93 -2.70
N ASP B 109 -47.70 -15.28 -3.83
CA ASP B 109 -47.19 -14.30 -4.79
C ASP B 109 -47.97 -14.41 -6.08
N ASN B 110 -48.62 -13.32 -6.47
CA ASN B 110 -49.37 -13.24 -7.74
C ASN B 110 -48.48 -12.89 -8.92
N LEU B 111 -47.31 -13.53 -9.01
CA LEU B 111 -46.39 -13.44 -10.16
C LEU B 111 -45.73 -12.06 -10.27
N VAL B 112 -45.54 -11.36 -9.15
CA VAL B 112 -44.91 -10.05 -9.19
C VAL B 112 -43.45 -10.07 -8.75
N LEU B 113 -43.01 -11.11 -8.04
CA LEU B 113 -41.63 -11.18 -7.59
C LEU B 113 -40.74 -11.78 -8.66
N ASN B 114 -39.65 -11.08 -8.97
CA ASN B 114 -38.71 -11.49 -10.01
C ASN B 114 -37.85 -12.64 -9.50
N LYS B 115 -36.85 -13.04 -10.30
CA LYS B 115 -36.01 -14.18 -9.94
C LYS B 115 -35.27 -13.94 -8.63
N GLU B 116 -34.64 -12.77 -8.48
CA GLU B 116 -33.88 -12.48 -7.28
C GLU B 116 -34.77 -12.41 -6.04
N ASP B 117 -35.91 -11.72 -6.15
CA ASP B 117 -36.82 -11.63 -5.02
C ASP B 117 -37.42 -12.99 -4.67
N LEU B 118 -37.57 -13.88 -5.65
CA LEU B 118 -38.04 -15.22 -5.35
C LEU B 118 -37.01 -15.99 -4.52
N ASP B 119 -35.73 -15.74 -4.74
CA ASP B 119 -34.69 -16.48 -4.03
C ASP B 119 -34.45 -15.93 -2.63
N VAL B 120 -34.65 -14.63 -2.42
CA VAL B 120 -34.65 -14.11 -1.06
C VAL B 120 -35.93 -14.52 -0.35
N ALA B 121 -36.99 -14.80 -1.11
CA ALA B 121 -38.24 -15.30 -0.53
C ALA B 121 -38.05 -16.68 0.07
N SER B 122 -37.51 -17.62 -0.72
CA SER B 122 -37.34 -18.98 -0.25
C SER B 122 -36.27 -19.07 0.83
N ARG B 123 -35.30 -18.16 0.83
CA ARG B 123 -34.28 -18.15 1.86
C ARG B 123 -34.83 -17.69 3.21
N PHE B 124 -35.77 -16.75 3.19
CA PHE B 124 -36.33 -16.23 4.43
C PHE B 124 -37.47 -17.07 4.99
N LEU B 125 -38.15 -17.86 4.15
CA LEU B 125 -39.17 -18.77 4.62
C LEU B 125 -38.68 -20.21 4.71
N GLU B 126 -37.42 -20.45 4.34
N GLU B 126 -37.41 -20.44 4.35
CA GLU B 126 -36.77 -21.75 4.56
CA GLU B 126 -36.74 -21.72 4.53
C GLU B 126 -37.46 -22.89 3.81
C GLU B 126 -37.47 -22.86 3.82
N MET B 127 -37.95 -22.59 2.62
CA MET B 127 -38.59 -23.61 1.77
C MET B 127 -38.76 -23.04 0.37
N GLU B 128 -38.72 -23.95 -0.61
CA GLU B 128 -38.99 -23.57 -2.00
C GLU B 128 -40.49 -23.46 -2.24
N PRO B 129 -40.92 -22.57 -3.12
CA PRO B 129 -42.35 -22.37 -3.33
C PRO B 129 -42.96 -23.44 -4.23
N VAL B 130 -44.28 -23.56 -4.15
CA VAL B 130 -45.06 -24.41 -5.05
C VAL B 130 -45.85 -23.50 -5.98
N THR B 131 -45.96 -23.93 -7.24
CA THR B 131 -46.75 -23.23 -8.25
C THR B 131 -48.04 -24.00 -8.48
N ILE B 132 -49.16 -23.30 -8.42
CA ILE B 132 -50.48 -23.93 -8.55
C ILE B 132 -51.15 -23.38 -9.80
N PRO B 133 -51.52 -24.23 -10.76
CA PRO B 133 -52.01 -23.74 -12.04
C PRO B 133 -53.54 -23.76 -12.16
N ASP B 134 -54.05 -23.29 -13.30
CA ASP B 134 -55.46 -23.41 -13.65
C ASP B 134 -55.54 -23.88 -15.11
N VAL B 135 -56.62 -24.59 -15.45
CA VAL B 135 -56.61 -25.44 -16.62
C VAL B 135 -57.70 -25.01 -17.61
N HIS B 136 -57.56 -25.52 -18.84
CA HIS B 136 -58.54 -25.31 -19.91
C HIS B 136 -59.56 -26.43 -19.92
N LEU B 140 -54.37 -22.63 -19.32
CA LEU B 140 -53.48 -21.90 -18.43
C LEU B 140 -54.03 -20.51 -18.13
N GLN B 141 -55.00 -20.45 -17.23
CA GLN B 141 -55.66 -19.18 -16.94
C GLN B 141 -54.86 -18.36 -15.93
N ASN B 142 -54.45 -18.97 -14.82
CA ASN B 142 -53.79 -18.25 -13.75
C ASN B 142 -52.83 -19.19 -13.04
N ALA B 143 -51.96 -18.60 -12.22
CA ALA B 143 -51.05 -19.36 -11.38
C ALA B 143 -50.70 -18.51 -10.17
N VAL B 144 -50.27 -19.19 -9.12
CA VAL B 144 -49.77 -18.53 -7.91
C VAL B 144 -48.61 -19.34 -7.35
N ARG B 145 -47.67 -18.63 -6.74
CA ARG B 145 -46.60 -19.26 -5.96
C ARG B 145 -46.95 -19.14 -4.48
N VAL B 146 -46.77 -20.23 -3.75
CA VAL B 146 -47.24 -20.34 -2.38
C VAL B 146 -46.11 -20.88 -1.50
N TRP B 147 -45.81 -20.16 -0.42
CA TRP B 147 -44.97 -20.65 0.66
C TRP B 147 -45.84 -20.87 1.89
N SER B 148 -45.74 -22.04 2.50
CA SER B 148 -46.55 -22.30 3.69
C SER B 148 -46.11 -23.59 4.36
N ASN B 149 -46.35 -23.67 5.67
CA ASN B 149 -46.12 -24.88 6.47
C ASN B 149 -47.34 -25.79 6.50
N ILE B 150 -48.31 -25.58 5.62
CA ILE B 150 -49.46 -26.47 5.51
C ILE B 150 -49.04 -27.68 4.69
N PRO B 151 -49.07 -28.89 5.28
CA PRO B 151 -48.48 -30.05 4.59
C PRO B 151 -49.14 -30.40 3.26
N ALA B 152 -50.46 -30.23 3.14
CA ALA B 152 -51.15 -30.65 1.92
C ALA B 152 -50.83 -29.77 0.72
N ILE B 153 -50.32 -28.57 0.94
CA ILE B 153 -49.95 -27.71 -0.18
C ILE B 153 -48.63 -28.16 -0.78
N ARG B 154 -47.62 -28.38 0.06
CA ARG B 154 -46.29 -28.78 -0.39
C ARG B 154 -46.22 -30.24 -0.83
N SER B 155 -47.31 -31.00 -0.70
CA SER B 155 -47.32 -32.41 -1.09
C SER B 155 -48.23 -32.72 -2.26
N ARG B 156 -49.25 -31.91 -2.50
CA ARG B 156 -50.14 -32.15 -3.64
C ARG B 156 -49.35 -31.99 -4.94
N HIS B 157 -49.62 -32.87 -5.90
CA HIS B 157 -48.87 -32.91 -7.14
C HIS B 157 -49.63 -32.11 -8.19
N TRP B 158 -49.31 -30.82 -8.26
CA TRP B 158 -49.94 -29.91 -9.20
C TRP B 158 -49.37 -30.14 -10.60
N ALA B 159 -50.12 -29.66 -11.60
CA ALA B 159 -49.65 -29.73 -12.98
C ALA B 159 -48.33 -28.97 -13.13
N LEU B 160 -47.37 -29.59 -13.80
CA LEU B 160 -46.05 -28.98 -13.95
C LEU B 160 -46.14 -27.77 -14.88
N VAL B 161 -45.52 -26.67 -14.46
CA VAL B 161 -45.52 -25.42 -15.20
C VAL B 161 -44.08 -24.93 -15.24
N SER B 162 -43.45 -25.04 -16.41
CA SER B 162 -42.12 -24.49 -16.55
C SER B 162 -42.18 -22.96 -16.48
N GLU B 163 -41.01 -22.33 -16.41
CA GLU B 163 -40.96 -20.90 -16.15
C GLU B 163 -41.14 -20.05 -17.40
N GLU B 164 -41.08 -20.63 -18.60
CA GLU B 164 -41.39 -19.88 -19.79
C GLU B 164 -42.88 -19.62 -19.96
N GLU B 165 -43.74 -20.41 -19.31
CA GLU B 165 -45.18 -20.17 -19.39
C GLU B 165 -45.67 -19.23 -18.30
N LEU B 166 -45.05 -19.27 -17.12
CA LEU B 166 -45.48 -18.38 -16.04
C LEU B 166 -45.16 -16.93 -16.36
N SER B 167 -44.11 -16.67 -17.13
CA SER B 167 -43.78 -15.31 -17.52
C SER B 167 -44.70 -14.77 -18.61
N LEU B 168 -45.15 -15.65 -19.52
CA LEU B 168 -46.13 -15.23 -20.52
C LEU B 168 -47.48 -14.90 -19.87
N LEU B 169 -47.87 -15.68 -18.85
CA LEU B 169 -49.13 -15.40 -18.16
C LEU B 169 -49.07 -14.09 -17.40
N ALA B 170 -47.95 -13.82 -16.71
CA ALA B 170 -47.80 -12.57 -15.99
C ALA B 170 -47.58 -11.39 -16.92
N GLN B 171 -47.07 -11.62 -18.13
CA GLN B 171 -46.78 -10.52 -19.03
C GLN B 171 -48.06 -9.91 -19.59
N ASN B 172 -49.05 -10.74 -19.93
CA ASN B 172 -50.29 -10.22 -20.48
C ASN B 172 -51.41 -10.09 -19.44
N LYS B 173 -51.22 -10.62 -18.24
CA LYS B 173 -52.12 -10.27 -17.14
C LYS B 173 -51.85 -8.84 -16.67
N GLN B 174 -50.59 -8.44 -16.66
CA GLN B 174 -50.23 -7.05 -16.40
C GLN B 174 -50.44 -6.16 -17.61
N SER B 175 -50.47 -6.73 -18.81
CA SER B 175 -50.68 -5.95 -20.02
C SER B 175 -52.15 -5.61 -20.25
N SER B 176 -53.07 -6.40 -19.70
CA SER B 176 -54.49 -6.20 -19.91
C SER B 176 -55.20 -5.57 -18.72
N LYS B 177 -54.85 -5.98 -17.51
CA LYS B 177 -55.41 -5.36 -16.30
C LYS B 177 -54.80 -3.97 -16.09
N TRP B 182 -57.76 -10.06 -9.03
CA TRP B 182 -58.36 -10.94 -8.03
C TRP B 182 -58.44 -12.38 -8.55
N PRO B 183 -57.79 -13.30 -7.84
CA PRO B 183 -57.72 -14.70 -8.30
C PRO B 183 -59.04 -15.45 -8.32
N THR B 184 -58.94 -16.74 -8.66
CA THR B 184 -60.07 -17.54 -9.13
C THR B 184 -60.94 -18.05 -7.97
N LYS B 185 -61.81 -19.01 -8.29
CA LYS B 185 -62.51 -19.82 -7.32
C LYS B 185 -62.04 -21.26 -7.30
N LEU B 186 -61.27 -21.68 -8.31
CA LEU B 186 -60.63 -22.98 -8.25
C LEU B 186 -59.60 -23.05 -7.14
N VAL B 187 -59.04 -21.90 -6.76
CA VAL B 187 -58.09 -21.83 -5.65
C VAL B 187 -58.87 -21.95 -4.35
N LYS B 188 -59.73 -22.97 -4.28
CA LYS B 188 -60.12 -23.50 -2.99
C LYS B 188 -59.04 -24.40 -2.44
N ASN B 189 -58.23 -24.99 -3.32
CA ASN B 189 -57.16 -25.89 -2.94
C ASN B 189 -56.03 -25.14 -2.25
N CYS B 190 -56.16 -23.81 -2.17
CA CYS B 190 -55.23 -23.01 -1.38
C CYS B 190 -55.64 -22.95 0.08
N PHE B 191 -56.94 -23.00 0.37
CA PHE B 191 -57.46 -22.97 1.73
C PHE B 191 -58.24 -24.22 2.11
N LEU B 192 -58.58 -25.07 1.15
CA LEU B 192 -59.27 -26.32 1.44
C LEU B 192 -58.57 -27.21 2.47
N PRO B 193 -57.24 -27.39 2.44
CA PRO B 193 -56.61 -28.26 3.44
C PRO B 193 -56.79 -27.80 4.88
N LEU B 194 -57.17 -26.55 5.11
CA LEU B 194 -57.33 -26.03 6.47
C LEU B 194 -58.67 -26.39 7.10
N ARG B 195 -59.61 -26.94 6.32
CA ARG B 195 -60.94 -27.21 6.85
C ARG B 195 -60.90 -28.22 8.00
N GLU B 196 -60.03 -29.23 7.89
CA GLU B 196 -60.01 -30.30 8.89
C GLU B 196 -59.54 -29.85 10.25
N TYR B 197 -58.89 -28.69 10.35
CA TYR B 197 -58.28 -28.26 11.61
C TYR B 197 -59.13 -27.27 12.40
N PHE B 198 -60.08 -26.60 11.76
CA PHE B 198 -60.88 -25.58 12.43
C PHE B 198 -62.35 -25.84 12.18
N LYS B 199 -63.19 -25.17 12.97
CA LYS B 199 -64.63 -25.40 12.91
C LYS B 199 -65.20 -25.02 11.56
N TYR B 200 -66.00 -25.92 11.00
CA TYR B 200 -66.64 -25.73 9.70
C TYR B 200 -68.05 -25.18 9.92
N PHE B 201 -68.33 -24.02 9.35
CA PHE B 201 -69.63 -23.36 9.46
C PHE B 201 -70.31 -23.35 8.09
N SER B 202 -71.48 -23.96 8.00
CA SER B 202 -72.33 -23.82 6.82
C SER B 202 -73.78 -24.08 7.23
N THR B 203 -74.66 -24.15 6.23
CA THR B 203 -76.12 -24.20 6.44
C THR B 203 -76.61 -22.95 7.16
N TRP C 8 64.94 33.03 -10.61
CA TRP C 8 66.24 33.65 -10.73
C TRP C 8 67.27 32.64 -11.24
N ARG C 9 67.35 31.51 -10.55
CA ARG C 9 68.14 30.36 -10.99
C ARG C 9 67.17 29.19 -11.17
N ARG C 10 66.93 28.83 -12.43
CA ARG C 10 65.88 27.88 -12.77
C ARG C 10 66.46 26.60 -13.37
N GLN C 11 65.67 25.54 -13.30
CA GLN C 11 66.02 24.23 -13.82
C GLN C 11 65.18 23.90 -15.05
N PRO C 12 65.58 22.92 -15.86
CA PRO C 12 64.75 22.51 -17.00
C PRO C 12 63.40 21.97 -16.55
N VAL C 13 62.44 22.04 -17.46
CA VAL C 13 61.07 21.63 -17.18
C VAL C 13 60.89 20.17 -17.54
N ARG C 14 60.01 19.51 -16.79
CA ARG C 14 59.63 18.12 -17.04
C ARG C 14 58.12 18.10 -17.28
N VAL C 15 57.72 17.77 -18.51
CA VAL C 15 56.34 17.89 -18.95
C VAL C 15 55.77 16.51 -19.23
N LEU C 16 54.59 16.23 -18.68
CA LEU C 16 53.81 15.06 -19.01
C LEU C 16 52.65 15.49 -19.90
N SER C 17 52.47 14.79 -21.01
CA SER C 17 51.42 15.13 -21.97
C SER C 17 50.63 13.89 -22.35
N LEU C 18 49.31 14.04 -22.30
CA LEU C 18 48.37 12.99 -22.66
C LEU C 18 47.58 13.43 -23.89
N PHE C 19 47.13 12.43 -24.66
CA PHE C 19 46.21 12.62 -25.80
C PHE C 19 46.80 13.50 -26.88
N GLU C 20 48.09 13.81 -26.82
CA GLU C 20 48.58 15.00 -27.51
C GLU C 20 50.08 14.99 -27.69
N ASP C 21 50.53 15.24 -28.91
CA ASP C 21 51.94 15.45 -29.22
C ASP C 21 52.25 16.94 -29.10
N ILE C 22 53.15 17.27 -28.17
CA ILE C 22 53.43 18.66 -27.84
C ILE C 22 54.84 19.09 -28.24
N LYS C 23 55.80 18.16 -28.31
CA LYS C 23 57.22 18.52 -28.39
C LYS C 23 57.56 19.37 -29.60
N LYS C 24 56.76 19.32 -30.67
CA LYS C 24 57.01 20.17 -31.82
C LYS C 24 56.78 21.64 -31.51
N GLU C 25 55.86 21.93 -30.58
CA GLU C 25 55.58 23.29 -30.17
C GLU C 25 56.33 23.73 -28.91
N LEU C 26 56.74 22.77 -28.06
CA LEU C 26 57.40 23.09 -26.81
C LEU C 26 58.79 23.68 -27.05
N THR C 27 59.70 22.88 -27.62
CA THR C 27 61.08 23.32 -27.80
C THR C 27 61.21 24.45 -28.83
N SER C 28 60.18 24.68 -29.66
CA SER C 28 60.19 25.87 -30.52
C SER C 28 59.83 27.11 -29.73
N LEU C 29 59.27 26.96 -28.52
CA LEU C 29 59.18 28.05 -27.57
C LEU C 29 60.43 28.20 -26.73
N GLY C 30 61.32 27.20 -26.74
CA GLY C 30 62.61 27.32 -26.09
C GLY C 30 62.87 26.34 -24.97
N PHE C 31 62.39 25.10 -25.12
CA PHE C 31 62.54 24.10 -24.07
C PHE C 31 63.09 22.78 -24.63
N PRO C 38 67.21 11.26 -24.69
CA PRO C 38 67.52 12.20 -23.62
C PRO C 38 66.50 13.32 -23.50
N GLY C 39 65.29 13.09 -24.02
CA GLY C 39 64.22 14.07 -23.93
C GLY C 39 63.44 13.90 -22.64
N GLN C 40 63.02 15.03 -22.07
CA GLN C 40 62.34 15.05 -20.79
C GLN C 40 60.83 15.06 -20.91
N LEU C 41 60.30 14.91 -22.12
CA LEU C 41 58.88 14.73 -22.32
C LEU C 41 58.48 13.30 -21.95
N LYS C 42 57.26 13.15 -21.45
CA LYS C 42 56.62 11.85 -21.34
C LYS C 42 55.30 11.91 -22.09
N HIS C 43 55.18 11.10 -23.15
CA HIS C 43 53.95 10.93 -23.90
C HIS C 43 53.50 9.49 -23.75
N VAL C 44 52.24 9.29 -23.40
CA VAL C 44 51.72 7.98 -23.08
C VAL C 44 50.70 7.58 -24.14
N VAL C 45 50.83 6.35 -24.65
CA VAL C 45 50.08 5.94 -25.84
C VAL C 45 48.59 5.93 -25.57
N ASP C 46 48.17 5.44 -24.40
CA ASP C 46 46.77 5.36 -24.02
C ASP C 46 46.73 5.04 -22.54
N VAL C 47 45.87 5.73 -21.82
CA VAL C 47 45.97 5.82 -20.37
C VAL C 47 44.89 5.03 -19.65
N THR C 48 44.17 4.15 -20.34
CA THR C 48 43.23 3.29 -19.64
C THR C 48 43.94 2.35 -18.68
N ASP C 49 45.20 2.01 -18.97
CA ASP C 49 45.94 1.03 -18.21
C ASP C 49 47.05 1.61 -17.34
N THR C 50 47.33 2.91 -17.43
CA THR C 50 48.35 3.48 -16.56
C THR C 50 47.82 3.59 -15.14
N VAL C 51 48.63 3.15 -14.18
CA VAL C 51 48.23 3.21 -12.78
C VAL C 51 49.05 4.29 -12.10
N ARG C 52 48.91 4.39 -10.78
CA ARG C 52 49.55 5.48 -10.04
C ARG C 52 51.06 5.38 -10.08
N LYS C 53 51.61 4.21 -9.76
CA LYS C 53 53.06 4.06 -9.66
C LYS C 53 53.74 4.23 -11.01
N ASP C 54 53.05 3.87 -12.10
CA ASP C 54 53.62 4.08 -13.43
C ASP C 54 53.83 5.55 -13.73
N VAL C 55 52.89 6.41 -13.30
CA VAL C 55 53.01 7.84 -13.55
C VAL C 55 54.19 8.41 -12.76
N GLU C 56 54.30 8.06 -11.48
CA GLU C 56 55.38 8.60 -10.66
C GLU C 56 56.68 7.81 -10.79
N GLU C 57 56.66 6.61 -11.36
CA GLU C 57 57.92 5.98 -11.76
C GLU C 57 58.62 6.81 -12.82
N TRP C 58 57.86 7.35 -13.76
CA TRP C 58 58.38 8.39 -14.63
C TRP C 58 58.65 9.65 -13.82
N GLY C 59 59.68 10.39 -14.21
CA GLY C 59 60.19 11.51 -13.44
C GLY C 59 59.11 12.47 -12.96
N PRO C 60 59.34 13.09 -11.81
CA PRO C 60 58.37 14.06 -11.29
C PRO C 60 58.26 15.25 -12.23
N PHE C 61 57.08 15.41 -12.81
CA PHE C 61 56.82 16.53 -13.70
C PHE C 61 56.42 17.76 -12.90
N ASP C 62 56.50 18.94 -13.53
CA ASP C 62 55.95 20.14 -12.93
C ASP C 62 55.12 20.96 -13.91
N LEU C 63 54.62 20.33 -14.98
CA LEU C 63 53.48 20.85 -15.75
C LEU C 63 52.93 19.65 -16.54
N VAL C 64 51.82 19.10 -16.06
CA VAL C 64 51.12 18.05 -16.79
C VAL C 64 50.20 18.71 -17.81
N TYR C 65 50.02 18.04 -18.95
CA TYR C 65 49.25 18.63 -20.03
C TYR C 65 48.40 17.56 -20.72
N GLY C 66 47.19 17.94 -21.12
CA GLY C 66 46.32 17.06 -21.89
C GLY C 66 45.34 17.89 -22.67
N ALA C 67 44.67 17.24 -23.62
CA ALA C 67 43.67 17.91 -24.44
C ALA C 67 42.91 16.88 -25.25
N THR C 68 41.72 17.27 -25.71
CA THR C 68 40.93 16.44 -26.59
C THR C 68 41.38 16.62 -28.04
N PRO C 69 41.08 15.66 -28.90
CA PRO C 69 41.32 15.86 -30.34
C PRO C 69 40.47 17.00 -30.88
N PRO C 70 40.89 17.62 -31.99
CA PRO C 70 40.04 18.65 -32.62
C PRO C 70 38.82 18.05 -33.29
N LEU C 71 38.02 18.90 -33.94
CA LEU C 71 36.74 18.47 -34.50
C LEU C 71 36.91 17.59 -35.72
N GLY C 72 37.31 16.33 -35.50
CA GLY C 72 37.42 15.38 -36.58
C GLY C 72 36.89 14.03 -36.14
N HIS C 73 36.32 13.29 -37.09
CA HIS C 73 35.74 11.98 -36.80
C HIS C 73 36.82 10.96 -36.50
N THR C 74 37.53 11.15 -35.39
CA THR C 74 38.59 10.24 -34.95
C THR C 74 38.45 10.03 -33.44
N CYS C 75 37.31 9.49 -33.03
CA CYS C 75 36.95 9.39 -31.62
C CYS C 75 36.56 7.95 -31.29
N ASP C 76 37.45 7.22 -30.62
CA ASP C 76 37.09 5.97 -29.97
C ASP C 76 36.54 6.20 -28.57
N ARG C 77 36.39 7.46 -28.16
CA ARG C 77 36.03 7.83 -26.81
C ARG C 77 34.85 8.79 -26.82
N PRO C 78 34.05 8.81 -25.75
CA PRO C 78 33.20 9.97 -25.52
C PRO C 78 34.06 11.18 -25.17
N PRO C 79 33.57 12.39 -25.46
CA PRO C 79 34.42 13.57 -25.24
C PRO C 79 34.91 13.72 -23.81
N SER C 80 34.06 13.43 -22.82
CA SER C 80 34.44 13.60 -21.43
C SER C 80 35.38 12.51 -20.92
N TRP C 81 35.59 11.44 -21.70
CA TRP C 81 36.58 10.43 -21.31
C TRP C 81 37.96 11.05 -21.15
N TYR C 82 38.27 12.07 -21.96
CA TYR C 82 39.60 12.67 -21.91
C TYR C 82 39.84 13.43 -20.62
N LEU C 83 38.85 14.18 -20.14
CA LEU C 83 39.05 14.94 -18.91
C LEU C 83 39.12 14.01 -17.71
N PHE C 84 38.17 13.08 -17.60
CA PHE C 84 38.18 12.16 -16.48
C PHE C 84 39.52 11.45 -16.35
N GLN C 85 40.02 10.91 -17.46
CA GLN C 85 41.35 10.34 -17.46
C GLN C 85 42.42 11.39 -17.19
N PHE C 86 42.22 12.63 -17.65
CA PHE C 86 43.15 13.69 -17.33
C PHE C 86 43.13 14.01 -15.84
N HIS C 87 41.94 14.20 -15.27
CA HIS C 87 41.82 14.46 -13.85
C HIS C 87 42.45 13.35 -13.02
N ARG C 88 42.35 12.10 -13.49
CA ARG C 88 42.89 10.98 -12.74
C ARG C 88 44.41 11.06 -12.66
N LEU C 89 45.09 11.17 -13.81
CA LEU C 89 46.55 11.16 -13.79
C LEU C 89 47.11 12.47 -13.25
N LEU C 90 46.35 13.57 -13.35
CA LEU C 90 46.80 14.83 -12.76
C LEU C 90 47.00 14.70 -11.25
N GLN C 91 46.05 14.03 -10.58
CA GLN C 91 46.21 13.78 -9.15
C GLN C 91 47.41 12.89 -8.87
N TYR C 92 47.77 12.02 -9.82
CA TYR C 92 48.94 11.16 -9.64
C TYR C 92 50.22 11.98 -9.69
N ALA C 93 50.29 12.96 -10.58
CA ALA C 93 51.51 13.75 -10.79
C ALA C 93 51.64 14.94 -9.85
N ARG C 94 50.59 15.27 -9.11
CA ARG C 94 50.68 16.37 -8.15
C ARG C 94 51.67 16.00 -7.03
N PRO C 95 52.61 16.88 -6.70
CA PRO C 95 53.53 16.57 -5.61
C PRO C 95 52.93 16.92 -4.25
N LYS C 96 53.41 16.21 -3.23
CA LYS C 96 52.96 16.45 -1.87
C LYS C 96 53.31 17.89 -1.46
N PRO C 97 52.58 18.45 -0.49
CA PRO C 97 52.87 19.84 -0.06
C PRO C 97 54.31 20.08 0.37
N GLY C 98 55.11 19.03 0.58
CA GLY C 98 56.51 19.19 0.86
C GLY C 98 57.37 19.55 -0.34
N SER C 99 56.77 19.71 -1.51
CA SER C 99 57.52 20.07 -2.71
C SER C 99 57.66 21.58 -2.80
N PRO C 100 58.88 22.12 -2.85
CA PRO C 100 59.05 23.58 -2.87
C PRO C 100 59.04 24.17 -4.27
N ARG C 101 59.34 23.37 -5.28
CA ARG C 101 59.34 23.85 -6.64
C ARG C 101 57.92 24.17 -7.08
N PRO C 102 57.74 24.87 -8.19
CA PRO C 102 56.40 25.18 -8.68
C PRO C 102 55.78 23.98 -9.38
N PHE C 103 54.47 24.03 -9.55
CA PHE C 103 53.74 23.00 -10.27
C PHE C 103 52.49 23.61 -10.88
N PHE C 104 52.21 23.23 -12.12
CA PHE C 104 51.00 23.66 -12.80
C PHE C 104 50.43 22.48 -13.57
N TRP C 105 49.24 22.68 -14.14
CA TRP C 105 48.59 21.69 -15.00
C TRP C 105 47.98 22.42 -16.19
N MET C 106 47.50 21.65 -17.18
CA MET C 106 46.95 22.28 -18.38
C MET C 106 46.15 21.27 -19.20
N PHE C 107 44.82 21.43 -19.22
CA PHE C 107 43.93 20.73 -20.11
C PHE C 107 43.13 21.75 -20.93
N VAL C 108 42.82 21.41 -22.18
CA VAL C 108 42.01 22.29 -23.02
C VAL C 108 41.28 21.48 -24.06
N ASP C 109 40.09 21.97 -24.44
CA ASP C 109 39.22 21.32 -25.40
C ASP C 109 39.11 22.17 -26.66
N ASN C 110 39.30 21.53 -27.82
CA ASN C 110 39.02 22.16 -29.12
C ASN C 110 37.52 22.21 -29.42
N LEU C 111 36.72 22.55 -28.41
CA LEU C 111 35.28 22.74 -28.53
C LEU C 111 34.54 21.45 -28.84
N VAL C 112 35.07 20.32 -28.37
CA VAL C 112 34.40 19.04 -28.54
C VAL C 112 33.30 18.86 -27.50
N LEU C 113 33.48 19.41 -26.30
CA LEU C 113 32.54 19.19 -25.22
C LEU C 113 31.29 20.06 -25.43
N ASN C 114 30.15 19.52 -25.00
CA ASN C 114 28.90 20.25 -25.04
C ASN C 114 28.68 20.96 -23.70
N LYS C 115 27.53 21.61 -23.57
CA LYS C 115 27.25 22.40 -22.37
C LYS C 115 27.20 21.53 -21.13
N GLU C 116 26.60 20.34 -21.24
CA GLU C 116 26.56 19.42 -20.10
C GLU C 116 27.96 18.90 -19.77
N ASP C 117 28.81 18.73 -20.78
CA ASP C 117 30.18 18.31 -20.54
C ASP C 117 31.05 19.45 -20.02
N LEU C 118 30.71 20.70 -20.38
CA LEU C 118 31.48 21.84 -19.91
C LEU C 118 31.27 22.06 -18.42
N ASP C 119 30.03 21.93 -17.95
CA ASP C 119 29.75 22.14 -16.53
C ASP C 119 30.48 21.12 -15.66
N VAL C 120 30.57 19.87 -16.13
CA VAL C 120 31.33 18.87 -15.42
C VAL C 120 32.81 19.20 -15.40
N ALA C 121 33.31 19.78 -16.51
CA ALA C 121 34.72 20.11 -16.61
C ALA C 121 35.13 21.13 -15.56
N SER C 122 34.35 22.22 -15.43
CA SER C 122 34.66 23.26 -14.47
C SER C 122 34.40 22.84 -13.03
N ARG C 123 33.70 21.72 -12.81
CA ARG C 123 33.51 21.21 -11.46
C ARG C 123 34.69 20.35 -11.02
N PHE C 124 35.24 19.56 -11.93
CA PHE C 124 36.36 18.68 -11.61
C PHE C 124 37.71 19.40 -11.65
N LEU C 125 37.81 20.51 -12.36
CA LEU C 125 39.07 21.21 -12.55
C LEU C 125 39.18 22.48 -11.70
N GLU C 126 38.23 22.70 -10.78
CA GLU C 126 38.24 23.79 -9.81
C GLU C 126 38.27 25.18 -10.44
N MET C 127 38.14 25.29 -11.76
CA MET C 127 38.36 26.58 -12.41
C MET C 127 37.32 26.81 -13.50
N GLU C 128 37.00 28.08 -13.73
CA GLU C 128 36.25 28.41 -14.92
C GLU C 128 37.20 28.63 -16.09
N PRO C 129 36.89 28.10 -17.26
CA PRO C 129 37.82 28.18 -18.39
C PRO C 129 37.81 29.56 -19.04
N VAL C 130 38.89 29.85 -19.76
CA VAL C 130 39.04 31.08 -20.52
C VAL C 130 39.05 30.74 -22.00
N THR C 131 38.39 31.58 -22.80
CA THR C 131 38.32 31.33 -24.23
C THR C 131 39.26 32.27 -24.97
N ILE C 132 40.08 31.69 -25.83
CA ILE C 132 41.04 32.41 -26.66
C ILE C 132 40.54 32.39 -28.10
N PRO C 133 40.45 33.53 -28.80
CA PRO C 133 40.09 33.46 -30.23
C PRO C 133 41.27 33.71 -31.15
N ASP C 134 41.06 33.40 -32.43
CA ASP C 134 42.05 33.62 -33.47
C ASP C 134 41.47 34.58 -34.50
N VAL C 135 42.09 35.74 -34.65
CA VAL C 135 41.62 36.76 -35.58
C VAL C 135 42.04 36.38 -37.00
N HIS C 136 41.06 36.33 -37.90
CA HIS C 136 41.32 36.02 -39.31
C HIS C 136 40.38 36.82 -40.23
N GLN C 141 37.65 31.96 -38.32
CA GLN C 141 38.34 31.98 -37.03
C GLN C 141 38.37 30.60 -36.39
N ASN C 142 39.03 30.50 -35.25
CA ASN C 142 39.09 29.27 -34.47
C ASN C 142 39.35 29.63 -33.02
N ALA C 143 38.68 28.95 -32.10
CA ALA C 143 38.71 29.29 -30.68
C ALA C 143 39.03 28.06 -29.84
N VAL C 144 39.36 28.29 -28.57
CA VAL C 144 39.91 27.24 -27.71
C VAL C 144 39.66 27.62 -26.25
N ARG C 145 39.53 26.61 -25.38
CA ARG C 145 38.92 26.77 -24.06
C ARG C 145 39.77 26.13 -22.95
N VAL C 146 40.64 26.89 -22.28
CA VAL C 146 41.61 26.31 -21.35
C VAL C 146 41.23 26.59 -19.90
N TRP C 147 41.35 25.55 -19.09
CA TRP C 147 41.51 25.62 -17.64
C TRP C 147 42.97 25.37 -17.29
N SER C 148 43.51 26.17 -16.37
CA SER C 148 44.78 25.86 -15.72
C SER C 148 45.18 26.91 -14.69
N ASN C 149 45.83 26.46 -13.61
CA ASN C 149 46.20 27.28 -12.46
C ASN C 149 47.21 28.38 -12.78
N ILE C 150 47.86 28.35 -13.94
CA ILE C 150 48.96 29.30 -14.17
C ILE C 150 48.43 30.72 -14.08
N PRO C 151 49.06 31.60 -13.31
CA PRO C 151 48.43 32.88 -12.96
C PRO C 151 48.33 33.85 -14.12
N ALA C 152 49.18 33.72 -15.14
CA ALA C 152 49.21 34.73 -16.20
C ALA C 152 47.95 34.68 -17.06
N ILE C 153 47.62 33.50 -17.60
CA ILE C 153 46.49 33.42 -18.54
C ILE C 153 45.17 33.68 -17.82
N ARG C 154 45.07 33.31 -16.54
CA ARG C 154 43.85 33.56 -15.79
C ARG C 154 43.59 35.06 -15.64
N SER C 155 44.64 35.86 -15.61
CA SER C 155 44.52 37.31 -15.49
C SER C 155 45.00 38.04 -16.74
N ARG C 156 45.20 37.33 -17.85
CA ARG C 156 45.71 37.94 -19.07
C ARG C 156 44.61 38.71 -19.79
N HIS C 157 44.96 39.91 -20.25
CA HIS C 157 44.03 40.75 -21.00
C HIS C 157 43.76 40.11 -22.36
N TRP C 158 42.55 39.59 -22.55
CA TRP C 158 42.17 38.90 -23.78
C TRP C 158 40.85 39.44 -24.29
N ALA C 159 40.72 39.50 -25.61
CA ALA C 159 39.47 39.94 -26.23
C ALA C 159 38.39 38.88 -26.05
N LEU C 160 37.34 39.22 -25.31
CA LEU C 160 36.31 38.26 -24.97
C LEU C 160 35.36 38.04 -26.15
N VAL C 161 34.65 36.91 -26.10
CA VAL C 161 33.71 36.48 -27.12
C VAL C 161 32.41 36.08 -26.44
N SER C 162 31.29 36.37 -27.12
CA SER C 162 29.98 35.94 -26.61
C SER C 162 29.80 34.45 -26.89
N GLU C 163 29.12 33.77 -25.96
CA GLU C 163 29.12 32.31 -25.94
C GLU C 163 28.23 31.69 -27.02
N GLU C 164 27.31 32.47 -27.58
CA GLU C 164 26.51 31.96 -28.70
C GLU C 164 27.15 32.22 -30.05
N GLU C 165 28.11 33.15 -30.12
CA GLU C 165 28.95 33.25 -31.30
C GLU C 165 30.04 32.18 -31.30
N LEU C 166 30.41 31.68 -30.11
CA LEU C 166 31.44 30.65 -30.03
C LEU C 166 30.97 29.33 -30.62
N SER C 167 29.67 29.02 -30.50
CA SER C 167 29.12 27.83 -31.12
C SER C 167 28.33 28.14 -32.39
N LEU C 168 28.06 29.42 -32.67
CA LEU C 168 27.72 29.80 -34.03
C LEU C 168 28.92 29.64 -34.94
N LEU C 169 30.13 29.71 -34.37
CA LEU C 169 31.35 29.39 -35.09
C LEU C 169 31.73 27.92 -34.98
N ALA C 170 31.20 27.19 -33.99
CA ALA C 170 31.43 25.76 -33.93
C ALA C 170 30.56 25.02 -34.93
N GLN C 171 29.31 25.46 -35.10
CA GLN C 171 28.45 24.87 -36.12
C GLN C 171 29.00 25.12 -37.51
N ASN C 172 29.61 26.29 -37.73
CA ASN C 172 30.22 26.58 -39.02
C ASN C 172 31.53 25.83 -39.20
N LYS C 173 32.21 25.47 -38.10
CA LYS C 173 33.39 24.62 -38.18
C LYS C 173 33.05 23.14 -38.20
N GLN C 174 31.89 22.76 -37.67
CA GLN C 174 31.45 21.38 -37.73
C GLN C 174 30.89 21.01 -39.10
N SER C 175 30.53 21.99 -39.91
CA SER C 175 29.98 21.71 -41.24
C SER C 175 31.08 21.34 -42.22
N SER C 176 32.22 22.04 -42.18
CA SER C 176 33.32 21.77 -43.10
C SER C 176 34.14 20.57 -42.68
N LYS C 177 33.93 20.02 -41.48
CA LYS C 177 34.68 18.86 -41.01
C LYS C 177 34.28 17.60 -41.76
N THR C 184 49.10 23.97 -33.42
CA THR C 184 48.32 25.20 -33.43
C THR C 184 49.06 26.32 -32.68
N LYS C 185 49.14 27.50 -33.31
CA LYS C 185 49.75 28.64 -32.66
C LYS C 185 48.87 29.27 -31.59
N LEU C 186 47.60 28.85 -31.49
CA LEU C 186 46.73 29.37 -30.44
C LEU C 186 47.24 28.97 -29.06
N VAL C 187 47.78 27.77 -28.93
CA VAL C 187 48.35 27.34 -27.66
C VAL C 187 49.73 27.93 -27.42
N LYS C 188 50.40 28.42 -28.46
CA LYS C 188 51.75 28.96 -28.29
C LYS C 188 51.74 30.23 -27.45
N ASN C 189 50.70 31.06 -27.60
CA ASN C 189 50.61 32.28 -26.80
C ASN C 189 50.38 31.96 -25.33
N CYS C 190 49.76 30.82 -25.02
CA CYS C 190 49.43 30.49 -23.64
C CYS C 190 50.61 29.86 -22.92
N PHE C 191 51.40 29.04 -23.61
CA PHE C 191 52.54 28.37 -22.99
C PHE C 191 53.73 29.29 -22.78
N LEU C 192 53.67 30.53 -23.29
CA LEU C 192 54.78 31.46 -23.08
C LEU C 192 55.04 31.79 -21.62
N PRO C 193 54.04 32.15 -20.80
CA PRO C 193 54.32 32.48 -19.40
C PRO C 193 55.05 31.41 -18.60
N LEU C 194 55.16 30.19 -19.12
CA LEU C 194 56.04 29.20 -18.50
C LEU C 194 57.52 29.50 -18.74
N ARG C 195 57.82 30.56 -19.48
CA ARG C 195 59.21 30.94 -19.75
C ARG C 195 59.99 31.12 -18.46
N GLU C 196 59.50 31.97 -17.55
CA GLU C 196 60.31 32.45 -16.44
C GLU C 196 60.53 31.42 -15.35
N TYR C 197 59.72 30.36 -15.31
CA TYR C 197 59.87 29.35 -14.27
C TYR C 197 60.83 28.23 -14.66
N PHE C 198 61.25 28.16 -15.92
CA PHE C 198 62.02 27.03 -16.42
C PHE C 198 63.01 27.50 -17.47
N LYS C 199 64.15 26.82 -17.53
CA LYS C 199 65.27 27.25 -18.34
C LYS C 199 64.87 27.46 -19.79
N TYR C 200 65.30 28.59 -20.35
CA TYR C 200 65.06 28.93 -21.74
C TYR C 200 66.23 28.50 -22.62
N PHE C 201 65.99 28.46 -23.92
CA PHE C 201 67.01 28.08 -24.89
C PHE C 201 67.35 29.24 -25.82
N ALA D 1 44.11 5.72 28.31
CA ALA D 1 43.76 5.45 26.92
C ALA D 1 42.84 6.54 26.38
N GLU D 2 42.50 6.44 25.10
CA GLU D 2 41.63 7.41 24.44
C GLU D 2 40.34 6.71 24.04
N LYS D 3 39.22 7.15 24.63
CA LYS D 3 37.92 6.61 24.28
C LYS D 3 37.60 6.87 22.81
N ARG D 4 36.88 5.93 22.21
N ARG D 4 36.88 5.93 22.20
CA ARG D 4 36.46 6.08 20.82
CA ARG D 4 36.48 6.10 20.81
C ARG D 4 35.34 7.12 20.71
C ARG D 4 35.35 7.12 20.71
N LYS D 5 35.18 7.65 19.51
CA LYS D 5 34.25 8.75 19.25
C LYS D 5 33.14 8.32 18.30
N PRO D 6 32.00 9.02 18.31
CA PRO D 6 30.93 8.70 17.36
C PRO D 6 31.39 8.90 15.92
N ILE D 7 30.84 8.08 15.04
CA ILE D 7 31.29 8.06 13.64
C ILE D 7 30.61 9.19 12.88
N ARG D 8 31.32 9.73 11.89
CA ARG D 8 30.82 10.82 11.05
C ARG D 8 30.82 10.32 9.61
N VAL D 9 29.65 10.38 8.97
CA VAL D 9 29.39 9.64 7.74
C VAL D 9 29.00 10.62 6.63
N LEU D 10 29.59 10.44 5.46
CA LEU D 10 29.14 11.06 4.23
C LEU D 10 28.55 9.98 3.34
N SER D 11 27.26 10.09 3.06
CA SER D 11 26.53 9.08 2.29
C SER D 11 26.09 9.67 0.97
N LEU D 12 26.62 9.14 -0.12
CA LEU D 12 26.32 9.60 -1.47
C LEU D 12 25.35 8.66 -2.15
N PHE D 13 24.35 9.21 -2.82
CA PHE D 13 23.26 8.43 -3.41
C PHE D 13 22.58 7.60 -2.33
N ASP D 14 22.17 8.27 -1.25
CA ASP D 14 21.81 7.58 -0.02
C ASP D 14 20.59 6.68 -0.17
N GLY D 15 19.66 7.03 -1.06
CA GLY D 15 18.50 6.17 -1.26
C GLY D 15 17.59 6.19 -0.04
N ILE D 16 17.24 5.01 0.47
CA ILE D 16 16.35 4.92 1.62
C ILE D 16 17.16 4.72 2.89
N ALA D 17 18.40 5.21 2.90
CA ALA D 17 19.22 5.34 4.11
C ALA D 17 19.60 3.99 4.70
N THR D 18 19.87 3.02 3.84
CA THR D 18 20.34 1.72 4.30
C THR D 18 21.53 1.84 5.24
N GLY D 19 22.47 2.73 4.92
CA GLY D 19 23.69 2.84 5.71
C GLY D 19 23.42 3.22 7.15
N LEU D 20 22.59 4.24 7.36
CA LEU D 20 22.28 4.67 8.72
C LEU D 20 21.50 3.60 9.46
N LEU D 21 20.58 2.91 8.77
CA LEU D 21 19.84 1.83 9.40
C LEU D 21 20.78 0.75 9.94
N VAL D 22 21.83 0.42 9.20
CA VAL D 22 22.75 -0.63 9.63
C VAL D 22 23.62 -0.16 10.77
N LEU D 23 24.14 1.07 10.68
CA LEU D 23 24.97 1.62 11.75
C LEU D 23 24.22 1.64 13.08
N LYS D 24 22.94 2.00 13.05
CA LYS D 24 22.15 2.04 14.29
C LYS D 24 21.95 0.64 14.85
N ASP D 25 21.65 -0.34 13.99
CA ASP D 25 21.40 -1.69 14.50
C ASP D 25 22.69 -2.39 14.93
N LEU D 26 23.84 -1.93 14.46
CA LEU D 26 25.10 -2.38 15.02
C LEU D 26 25.45 -1.66 16.31
N GLY D 27 24.64 -0.70 16.74
CA GLY D 27 24.89 0.05 17.96
C GLY D 27 25.98 1.08 17.85
N ILE D 28 26.40 1.45 16.64
CA ILE D 28 27.44 2.45 16.46
C ILE D 28 26.84 3.84 16.63
N GLN D 29 27.46 4.66 17.47
CA GLN D 29 27.04 6.05 17.62
C GLN D 29 27.41 6.84 16.37
N VAL D 30 26.45 7.64 15.90
CA VAL D 30 26.62 8.44 14.69
C VAL D 30 26.46 9.91 15.08
N ASP D 31 27.53 10.68 14.92
CA ASP D 31 27.45 12.10 15.23
C ASP D 31 26.77 12.89 14.13
N ARG D 32 27.12 12.63 12.87
CA ARG D 32 26.39 13.25 11.77
C ARG D 32 26.40 12.33 10.55
N TYR D 33 25.26 12.31 9.87
CA TYR D 33 25.04 11.50 8.67
C TYR D 33 24.56 12.48 7.59
N ILE D 34 25.47 12.89 6.72
CA ILE D 34 25.18 13.86 5.67
C ILE D 34 24.94 13.08 4.38
N ALA D 35 23.75 13.20 3.82
CA ALA D 35 23.32 12.39 2.70
C ALA D 35 23.02 13.28 1.49
N SER D 36 23.45 12.83 0.33
CA SER D 36 23.10 13.46 -0.95
C SER D 36 22.15 12.54 -1.68
N GLU D 37 20.98 13.06 -2.02
CA GLU D 37 19.90 12.30 -2.65
C GLU D 37 18.95 13.30 -3.28
N VAL D 38 18.29 12.90 -4.36
CA VAL D 38 17.38 13.81 -5.06
C VAL D 38 15.97 13.25 -5.23
N CYS D 39 15.75 11.94 -5.09
CA CYS D 39 14.41 11.39 -5.27
C CYS D 39 13.57 11.67 -4.03
N GLU D 40 12.43 12.35 -4.22
CA GLU D 40 11.64 12.80 -3.08
C GLU D 40 11.10 11.62 -2.29
N ASP D 41 10.76 10.52 -2.98
CA ASP D 41 10.34 9.31 -2.26
C ASP D 41 11.46 8.80 -1.36
N SER D 42 12.69 8.79 -1.88
CA SER D 42 13.84 8.35 -1.09
C SER D 42 13.97 9.19 0.17
N ILE D 43 13.94 10.52 0.02
CA ILE D 43 14.20 11.42 1.14
C ILE D 43 13.09 11.31 2.18
N THR D 44 11.84 11.20 1.73
CA THR D 44 10.72 11.08 2.66
C THR D 44 10.87 9.83 3.53
N VAL D 45 11.30 8.71 2.94
CA VAL D 45 11.55 7.50 3.72
C VAL D 45 12.61 7.76 4.78
N GLY D 46 13.72 8.39 4.38
CA GLY D 46 14.80 8.64 5.32
C GLY D 46 14.42 9.63 6.42
N MET D 47 13.73 10.72 6.06
CA MET D 47 13.32 11.69 7.06
C MET D 47 12.40 11.05 8.09
N VAL D 48 11.46 10.24 7.64
CA VAL D 48 10.47 9.63 8.54
C VAL D 48 11.12 8.58 9.42
N ARG D 49 11.83 7.63 8.80
CA ARG D 49 12.30 6.44 9.52
C ARG D 49 13.47 6.73 10.44
N HIS D 50 14.17 7.86 10.24
CA HIS D 50 15.26 8.25 11.12
C HIS D 50 14.98 9.59 11.78
N GLN D 51 13.73 10.05 11.71
CA GLN D 51 13.20 11.13 12.54
C GLN D 51 14.01 12.42 12.40
N GLY D 52 14.50 12.72 11.21
CA GLY D 52 15.17 13.98 10.97
C GLY D 52 16.62 14.06 11.40
N LYS D 53 17.30 12.92 11.58
CA LYS D 53 18.73 12.96 11.88
C LYS D 53 19.56 13.22 10.64
N ILE D 54 19.13 12.72 9.48
CA ILE D 54 19.89 12.86 8.25
C ILE D 54 19.88 14.32 7.79
N MET D 55 21.04 14.83 7.42
CA MET D 55 21.18 16.14 6.77
C MET D 55 21.22 15.89 5.27
N TYR D 56 20.18 16.32 4.56
CA TYR D 56 20.10 16.17 3.13
C TYR D 56 20.69 17.40 2.45
N VAL D 57 21.66 17.19 1.56
CA VAL D 57 22.38 18.27 0.89
C VAL D 57 22.09 18.32 -0.60
N GLY D 58 21.16 17.51 -1.09
CA GLY D 58 20.73 17.59 -2.47
C GLY D 58 21.61 16.90 -3.49
N ASP D 59 21.64 17.46 -4.70
CA ASP D 59 22.34 16.86 -5.82
C ASP D 59 23.82 16.71 -5.51
N VAL D 60 24.36 15.52 -5.80
CA VAL D 60 25.77 15.25 -5.53
C VAL D 60 26.68 16.18 -6.31
N ARG D 61 26.21 16.74 -7.43
CA ARG D 61 27.02 17.65 -8.23
C ARG D 61 27.07 19.07 -7.67
N SER D 62 26.26 19.37 -6.65
CA SER D 62 26.34 20.66 -5.97
C SER D 62 27.26 20.62 -4.75
N VAL D 63 27.63 19.43 -4.29
CA VAL D 63 28.59 19.29 -3.20
C VAL D 63 29.98 19.63 -3.72
N THR D 64 30.60 20.65 -3.15
CA THR D 64 31.92 21.09 -3.56
C THR D 64 32.97 20.63 -2.56
N GLN D 65 34.24 20.85 -2.92
CA GLN D 65 35.34 20.41 -2.06
C GLN D 65 35.36 21.14 -0.72
N LYS D 66 35.08 22.45 -0.75
CA LYS D 66 35.07 23.22 0.49
C LYS D 66 33.96 22.76 1.42
N HIS D 67 32.80 22.39 0.87
CA HIS D 67 31.76 21.77 1.68
C HIS D 67 32.27 20.51 2.35
N ILE D 68 33.02 19.69 1.61
CA ILE D 68 33.56 18.45 2.17
C ILE D 68 34.54 18.76 3.30
N GLN D 69 35.38 19.78 3.13
CA GLN D 69 36.39 20.05 4.14
C GLN D 69 35.81 20.69 5.39
N GLU D 70 34.68 21.40 5.28
CA GLU D 70 34.10 21.97 6.49
C GLU D 70 33.10 21.05 7.16
N TRP D 71 32.28 20.33 6.39
CA TRP D 71 31.36 19.38 7.00
C TRP D 71 32.08 18.24 7.69
N GLY D 72 33.36 18.04 7.40
CA GLY D 72 34.11 16.94 7.93
C GLY D 72 34.86 17.31 9.20
N PRO D 73 35.89 16.52 9.55
CA PRO D 73 36.36 15.36 8.77
C PRO D 73 35.41 14.15 8.87
N PHE D 74 35.31 13.41 7.78
CA PHE D 74 34.46 12.23 7.70
C PHE D 74 35.27 10.98 7.99
N ASP D 75 34.66 10.06 8.73
CA ASP D 75 35.28 8.78 9.03
C ASP D 75 34.88 7.70 8.04
N LEU D 76 33.72 7.85 7.41
CA LEU D 76 33.17 6.82 6.54
C LEU D 76 32.48 7.48 5.35
N VAL D 77 32.79 7.01 4.15
CA VAL D 77 32.22 7.53 2.92
C VAL D 77 31.65 6.37 2.11
N ILE D 78 30.34 6.37 1.90
CA ILE D 78 29.66 5.26 1.25
C ILE D 78 28.82 5.80 0.10
N GLY D 79 28.55 4.92 -0.87
CA GLY D 79 27.75 5.31 -1.99
C GLY D 79 27.61 4.16 -2.97
N GLY D 80 26.61 4.29 -3.84
CA GLY D 80 26.39 3.36 -4.92
C GLY D 80 25.73 4.06 -6.07
N SER D 81 26.53 4.43 -7.08
CA SER D 81 26.04 5.22 -8.20
C SER D 81 24.95 4.46 -8.96
N PRO D 82 24.11 5.19 -9.70
CA PRO D 82 23.11 4.53 -10.54
C PRO D 82 23.75 3.53 -11.51
N CYS D 83 23.06 2.41 -11.71
CA CYS D 83 23.55 1.33 -12.55
C CYS D 83 22.72 1.14 -13.81
N ASN D 84 21.68 1.93 -14.02
CA ASN D 84 20.79 1.73 -15.16
C ASN D 84 21.49 1.96 -16.50
N ASP D 85 22.58 2.73 -16.51
CA ASP D 85 23.37 2.93 -17.72
C ASP D 85 24.61 2.05 -17.77
N LEU D 86 24.83 1.23 -16.75
CA LEU D 86 25.94 0.27 -16.72
C LEU D 86 25.49 -1.17 -16.83
N SER D 87 24.35 -1.52 -16.24
CA SER D 87 23.92 -2.91 -16.21
C SER D 87 23.45 -3.34 -17.58
N ILE D 88 23.87 -4.55 -17.99
CA ILE D 88 23.56 -5.07 -19.33
C ILE D 88 22.10 -5.49 -19.48
N VAL D 89 21.33 -5.52 -18.38
CA VAL D 89 19.90 -5.80 -18.49
C VAL D 89 19.20 -4.71 -19.31
N ASN D 90 19.79 -3.52 -19.40
CA ASN D 90 19.27 -2.44 -20.23
C ASN D 90 19.99 -2.47 -21.57
N PRO D 91 19.33 -2.83 -22.67
CA PRO D 91 19.99 -2.79 -23.98
C PRO D 91 20.24 -1.38 -24.48
N ALA D 92 19.60 -0.38 -23.88
CA ALA D 92 19.85 1.02 -24.20
C ALA D 92 20.69 1.70 -23.12
N ARG D 93 21.77 1.04 -22.68
CA ARG D 93 22.65 1.62 -21.69
C ARG D 93 23.62 2.58 -22.37
N LYS D 94 23.93 3.69 -21.68
CA LYS D 94 24.72 4.77 -22.25
C LYS D 94 26.18 4.71 -21.82
N GLY D 95 26.60 3.62 -21.19
CA GLY D 95 27.98 3.47 -20.76
C GLY D 95 28.29 4.30 -19.53
N LEU D 96 29.57 4.25 -19.16
CA LEU D 96 30.04 4.88 -17.92
C LEU D 96 30.30 6.38 -18.08
N TYR D 97 30.54 6.86 -19.29
CA TYR D 97 30.96 8.23 -19.51
C TYR D 97 29.83 9.16 -19.95
N GLU D 98 28.61 8.65 -20.04
CA GLU D 98 27.45 9.46 -20.40
C GLU D 98 26.25 8.98 -19.61
N GLY D 99 25.20 9.79 -19.61
CA GLY D 99 23.99 9.43 -18.88
C GLY D 99 24.20 9.50 -17.39
N THR D 100 23.47 8.63 -16.67
CA THR D 100 23.67 8.50 -15.23
C THR D 100 24.91 7.68 -14.89
N GLY D 101 25.60 7.13 -15.90
CA GLY D 101 26.84 6.42 -15.63
C GLY D 101 27.93 7.34 -15.11
N ARG D 102 28.05 8.53 -15.69
CA ARG D 102 29.10 9.47 -15.29
C ARG D 102 28.93 9.98 -13.87
N LEU D 103 27.78 9.75 -13.24
CA LEU D 103 27.62 10.14 -11.84
C LEU D 103 28.58 9.40 -10.92
N PHE D 104 29.13 8.27 -11.38
CA PHE D 104 30.16 7.58 -10.60
C PHE D 104 31.33 8.50 -10.29
N PHE D 105 31.77 9.30 -11.26
CA PHE D 105 32.92 10.16 -11.06
C PHE D 105 32.66 11.22 -10.00
N GLU D 106 31.40 11.59 -9.78
CA GLU D 106 31.09 12.45 -8.64
C GLU D 106 31.45 11.77 -7.33
N PHE D 107 31.21 10.46 -7.23
CA PHE D 107 31.67 9.72 -6.06
C PHE D 107 33.19 9.69 -5.99
N TYR D 108 33.85 9.42 -7.12
CA TYR D 108 35.30 9.45 -7.15
C TYR D 108 35.84 10.82 -6.77
N ARG D 109 35.18 11.89 -7.26
CA ARG D 109 35.63 13.24 -6.96
C ARG D 109 35.58 13.51 -5.46
N LEU D 110 34.43 13.28 -4.83
CA LEU D 110 34.28 13.62 -3.42
C LEU D 110 35.05 12.68 -2.52
N LEU D 111 35.18 11.40 -2.89
CA LEU D 111 36.00 10.49 -2.12
C LEU D 111 37.43 11.01 -1.99
N HIS D 112 37.98 11.55 -3.08
CA HIS D 112 39.32 12.14 -3.00
C HIS D 112 39.34 13.35 -2.08
N ASP D 113 38.25 14.11 -2.03
CA ASP D 113 38.21 15.32 -1.22
C ASP D 113 38.07 15.03 0.26
N ALA D 114 37.38 13.95 0.62
CA ALA D 114 37.24 13.58 2.02
C ALA D 114 38.42 12.79 2.55
N ARG D 115 39.38 12.45 1.72
CA ARG D 115 40.51 11.64 2.16
C ARG D 115 41.40 12.44 3.10
N PRO D 116 41.82 11.87 4.22
CA PRO D 116 42.95 12.45 4.95
C PRO D 116 44.22 12.25 4.16
N LYS D 117 44.72 13.31 3.54
CA LYS D 117 45.89 13.18 2.69
C LYS D 117 47.17 13.26 3.51
N GLU D 118 48.30 13.21 2.82
CA GLU D 118 49.62 12.96 3.41
C GLU D 118 49.82 13.67 4.75
N GLY D 119 50.16 12.87 5.77
CA GLY D 119 50.41 13.35 7.11
C GLY D 119 49.41 12.88 8.13
N ASP D 120 48.16 12.64 7.72
CA ASP D 120 47.07 12.32 8.63
C ASP D 120 46.78 10.83 8.55
N ASP D 121 47.05 10.11 9.64
CA ASP D 121 46.86 8.68 9.71
C ASP D 121 45.62 8.29 10.52
N ARG D 122 44.68 9.21 10.71
CA ARG D 122 43.43 8.87 11.37
C ARG D 122 42.68 7.81 10.56
N PRO D 123 41.96 6.91 11.21
CA PRO D 123 41.20 5.91 10.46
C PRO D 123 40.21 6.55 9.51
N PHE D 124 40.08 5.95 8.33
CA PHE D 124 39.20 6.47 7.30
C PHE D 124 38.73 5.30 6.44
N PHE D 125 37.43 5.20 6.25
CA PHE D 125 36.83 4.04 5.60
C PHE D 125 35.88 4.48 4.51
N TRP D 126 35.84 3.72 3.42
CA TRP D 126 34.95 4.05 2.32
C TRP D 126 34.44 2.78 1.66
N LEU D 127 33.30 2.89 1.00
CA LEU D 127 32.67 1.73 0.37
C LEU D 127 31.83 2.19 -0.81
N PHE D 128 32.09 1.60 -1.97
CA PHE D 128 31.32 1.86 -3.18
C PHE D 128 30.76 0.54 -3.69
N GLU D 129 29.48 0.55 -4.05
CA GLU D 129 28.78 -0.66 -4.48
C GLU D 129 28.25 -0.47 -5.90
N ASN D 130 28.31 -1.53 -6.69
CA ASN D 130 27.61 -1.56 -7.97
C ASN D 130 27.42 -3.00 -8.41
N VAL D 131 26.71 -3.17 -9.53
CA VAL D 131 26.27 -4.49 -9.96
C VAL D 131 27.44 -5.24 -10.58
N VAL D 132 27.30 -6.58 -10.59
CA VAL D 132 28.25 -7.44 -11.29
C VAL D 132 27.99 -7.44 -12.78
N ALA D 133 26.71 -7.42 -13.17
CA ALA D 133 26.31 -7.53 -14.57
C ALA D 133 26.50 -6.19 -15.30
N MET D 134 27.75 -5.77 -15.37
CA MET D 134 28.14 -4.58 -16.12
C MET D 134 29.21 -4.96 -17.13
N GLY D 135 29.51 -4.01 -18.02
CA GLY D 135 30.48 -4.26 -19.06
C GLY D 135 31.88 -4.48 -18.50
N VAL D 136 32.63 -5.33 -19.20
CA VAL D 136 34.01 -5.62 -18.78
C VAL D 136 34.82 -4.34 -18.72
N SER D 137 34.74 -3.51 -19.77
CA SER D 137 35.53 -2.28 -19.83
C SER D 137 35.10 -1.29 -18.76
N ASP D 138 33.81 -1.25 -18.43
CA ASP D 138 33.35 -0.33 -17.40
C ASP D 138 33.76 -0.78 -16.01
N LYS D 139 33.94 -2.09 -15.81
CA LYS D 139 34.41 -2.58 -14.53
C LYS D 139 35.85 -2.15 -14.27
N ARG D 140 36.72 -2.27 -15.27
CA ARG D 140 38.12 -1.91 -15.08
C ARG D 140 38.30 -0.42 -14.85
N ASP D 141 37.46 0.41 -15.48
CA ASP D 141 37.60 1.86 -15.32
C ASP D 141 37.23 2.30 -13.91
N ILE D 142 36.15 1.74 -13.35
CA ILE D 142 35.77 2.06 -11.98
C ILE D 142 36.91 1.75 -11.02
N SER D 143 37.52 0.57 -11.18
CA SER D 143 38.63 0.17 -10.32
C SER D 143 39.92 0.89 -10.62
N ARG D 144 40.07 1.43 -11.83
CA ARG D 144 41.24 2.28 -12.11
C ARG D 144 41.10 3.62 -11.40
N PHE D 145 39.92 4.23 -11.46
CA PHE D 145 39.71 5.52 -10.81
C PHE D 145 39.66 5.38 -9.30
N LEU D 146 39.19 4.24 -8.80
CA LEU D 146 39.21 3.97 -7.37
C LEU D 146 40.48 3.28 -6.90
N GLU D 147 41.31 2.79 -7.83
CA GLU D 147 42.60 2.19 -7.50
C GLU D 147 42.46 1.01 -6.53
N SER D 148 41.44 0.20 -6.74
CA SER D 148 41.21 -0.97 -5.88
C SER D 148 40.35 -1.97 -6.63
N ASN D 149 40.52 -3.25 -6.28
CA ASN D 149 39.73 -4.22 -7.02
C ASN D 149 38.48 -4.63 -6.25
N PRO D 150 37.36 -4.81 -6.95
CA PRO D 150 36.11 -5.09 -6.25
C PRO D 150 36.09 -6.49 -5.66
N VAL D 151 35.31 -6.63 -4.59
CA VAL D 151 34.98 -7.93 -4.01
C VAL D 151 33.53 -8.21 -4.35
N MET D 152 33.27 -9.40 -4.90
CA MET D 152 31.91 -9.79 -5.25
C MET D 152 31.27 -10.50 -4.08
N ILE D 153 30.14 -9.99 -3.63
CA ILE D 153 29.38 -10.56 -2.51
C ILE D 153 27.95 -10.79 -2.99
N ASP D 154 27.47 -12.02 -2.86
CA ASP D 154 26.11 -12.35 -3.25
C ASP D 154 25.24 -12.48 -2.00
N ALA D 155 24.11 -11.79 -1.99
CA ALA D 155 23.18 -11.86 -0.86
C ALA D 155 22.51 -13.22 -0.73
N LYS D 156 22.73 -14.13 -1.69
CA LYS D 156 22.15 -15.46 -1.59
C LYS D 156 22.67 -16.20 -0.36
N GLU D 157 23.83 -15.82 0.17
CA GLU D 157 24.41 -16.57 1.27
C GLU D 157 23.81 -16.17 2.61
N VAL D 158 23.26 -14.96 2.74
CA VAL D 158 22.71 -14.53 4.03
C VAL D 158 21.29 -13.97 3.89
N SER D 159 20.58 -14.32 2.82
CA SER D 159 19.20 -13.88 2.65
C SER D 159 18.49 -14.79 1.66
N ALA D 160 17.21 -14.54 1.42
CA ALA D 160 16.36 -15.40 0.62
C ALA D 160 16.33 -15.01 -0.85
N ALA D 161 17.19 -14.10 -1.29
CA ALA D 161 17.23 -13.70 -2.68
C ALA D 161 18.67 -13.73 -3.20
N HIS D 162 18.79 -14.00 -4.50
CA HIS D 162 20.05 -13.79 -5.19
C HIS D 162 20.25 -12.30 -5.42
N ARG D 163 21.48 -11.84 -5.20
CA ARG D 163 21.86 -10.47 -5.54
C ARG D 163 23.39 -10.39 -5.57
N ALA D 164 23.97 -10.66 -6.74
CA ALA D 164 25.41 -10.55 -6.90
C ALA D 164 25.79 -9.09 -7.13
N ARG D 165 26.72 -8.59 -6.33
CA ARG D 165 27.10 -7.19 -6.39
C ARG D 165 28.60 -7.05 -6.15
N TYR D 166 29.17 -5.98 -6.69
CA TYR D 166 30.57 -5.64 -6.51
C TYR D 166 30.72 -4.60 -5.41
N PHE D 167 31.79 -4.73 -4.62
CA PHE D 167 32.07 -3.78 -3.55
C PHE D 167 33.54 -3.38 -3.62
N TRP D 168 33.79 -2.11 -3.92
CA TRP D 168 35.09 -1.51 -3.72
C TRP D 168 35.15 -0.86 -2.34
N GLY D 169 36.30 -0.92 -1.71
CA GLY D 169 36.46 -0.28 -0.42
C GLY D 169 37.66 -0.78 0.33
N ASN D 170 37.83 -0.23 1.53
CA ASN D 170 38.95 -0.55 2.42
C ASN D 170 38.47 -1.03 3.79
N LEU D 171 37.21 -1.45 3.90
CA LEU D 171 36.70 -1.89 5.19
C LEU D 171 37.46 -3.13 5.64
N PRO D 172 37.87 -3.20 6.90
CA PRO D 172 38.56 -4.40 7.39
C PRO D 172 37.71 -5.65 7.20
N GLY D 173 38.33 -6.69 6.67
CA GLY D 173 37.66 -7.97 6.51
C GLY D 173 36.67 -8.05 5.37
N MET D 174 36.87 -7.26 4.32
CA MET D 174 35.91 -7.22 3.22
C MET D 174 35.79 -8.57 2.53
N ASN D 175 36.92 -9.28 2.36
CA ASN D 175 36.88 -10.60 1.74
C ASN D 175 36.65 -11.72 2.75
N ARG D 176 36.63 -11.40 4.04
CA ARG D 176 36.40 -12.37 5.11
C ARG D 176 35.11 -13.14 4.80
N PRO D 177 35.05 -14.44 5.10
CA PRO D 177 33.94 -15.26 4.58
C PRO D 177 32.60 -14.88 5.18
N LEU D 178 31.57 -14.95 4.35
CA LEU D 178 30.22 -14.58 4.78
C LEU D 178 29.66 -15.64 5.72
N ALA D 179 29.07 -15.19 6.82
CA ALA D 179 28.66 -16.07 7.90
C ALA D 179 27.18 -15.88 8.19
N SER D 180 26.41 -16.95 8.00
CA SER D 180 25.02 -16.96 8.43
C SER D 180 24.93 -16.69 9.92
N THR D 181 23.80 -16.13 10.34
CA THR D 181 23.58 -15.78 11.74
C THR D 181 22.14 -16.14 12.14
N VAL D 182 21.82 -15.85 13.40
CA VAL D 182 20.51 -16.20 13.95
C VAL D 182 19.42 -15.31 13.36
N ASN D 183 19.72 -14.05 13.08
CA ASN D 183 18.73 -13.09 12.60
C ASN D 183 18.58 -13.07 11.09
N ASP D 184 19.34 -13.89 10.37
CA ASP D 184 19.30 -13.88 8.91
C ASP D 184 18.25 -14.86 8.40
N LYS D 185 17.29 -14.35 7.63
CA LYS D 185 16.25 -15.18 7.04
C LYS D 185 16.79 -15.75 5.73
N LEU D 186 17.23 -17.01 5.78
CA LEU D 186 17.83 -17.65 4.62
C LEU D 186 16.80 -18.23 3.67
N GLU D 187 15.59 -18.51 4.15
CA GLU D 187 14.56 -19.16 3.36
C GLU D 187 13.44 -18.18 3.07
N LEU D 188 12.88 -18.28 1.86
CA LEU D 188 11.74 -17.43 1.50
C LEU D 188 10.58 -17.61 2.47
N GLN D 189 10.40 -18.84 2.98
CA GLN D 189 9.27 -19.14 3.85
C GLN D 189 9.25 -18.27 5.10
N GLU D 190 10.44 -17.92 5.63
CA GLU D 190 10.49 -17.04 6.79
C GLU D 190 10.19 -15.59 6.45
N CYS D 191 10.05 -15.25 5.17
CA CYS D 191 9.80 -13.88 4.76
C CYS D 191 8.35 -13.61 4.41
N LEU D 192 7.50 -14.64 4.42
CA LEU D 192 6.14 -14.52 3.95
C LEU D 192 5.19 -14.15 5.09
N GLU D 193 4.18 -13.36 4.76
CA GLU D 193 3.10 -13.11 5.70
C GLU D 193 2.37 -14.42 6.02
N HIS D 194 1.66 -14.43 7.15
CA HIS D 194 1.07 -15.67 7.62
C HIS D 194 0.06 -16.23 6.63
N GLY D 195 0.07 -17.55 6.48
CA GLY D 195 -0.85 -18.24 5.62
C GLY D 195 -0.38 -18.46 4.19
N ARG D 196 0.82 -18.02 3.84
CA ARG D 196 1.34 -18.13 2.48
C ARG D 196 2.51 -19.12 2.45
N ILE D 197 2.56 -19.92 1.40
CA ILE D 197 3.52 -21.02 1.29
C ILE D 197 4.54 -20.70 0.22
N ALA D 198 5.82 -20.74 0.59
CA ALA D 198 6.90 -20.54 -0.37
C ALA D 198 7.05 -21.77 -1.26
N LYS D 199 7.19 -21.54 -2.57
CA LYS D 199 7.48 -22.62 -3.50
C LYS D 199 8.93 -23.05 -3.42
N PHE D 200 9.84 -22.07 -3.35
CA PHE D 200 11.26 -22.30 -3.40
C PHE D 200 11.91 -21.68 -2.16
N SER D 201 13.18 -22.00 -1.95
CA SER D 201 13.89 -21.44 -0.82
C SER D 201 14.51 -20.08 -1.16
N LYS D 202 14.75 -19.82 -2.45
CA LYS D 202 15.31 -18.54 -2.90
C LYS D 202 14.50 -18.00 -4.06
N VAL D 203 14.54 -16.67 -4.21
CA VAL D 203 13.99 -15.99 -5.38
C VAL D 203 15.14 -15.41 -6.19
N ARG D 204 14.86 -15.07 -7.43
CA ARG D 204 15.85 -14.44 -8.29
C ARG D 204 15.99 -12.96 -7.95
N THR D 205 17.06 -12.35 -8.46
CA THR D 205 17.39 -10.97 -8.14
C THR D 205 16.19 -10.06 -8.30
N ILE D 206 15.91 -9.28 -7.26
CA ILE D 206 14.79 -8.34 -7.25
C ILE D 206 15.28 -7.01 -7.81
N THR D 207 14.62 -6.52 -8.85
CA THR D 207 14.90 -5.22 -9.42
C THR D 207 13.66 -4.35 -9.32
N THR D 208 13.74 -3.14 -9.86
CA THR D 208 12.61 -2.22 -9.79
C THR D 208 11.43 -2.70 -10.63
N ARG D 209 11.68 -3.50 -11.66
N ARG D 209 11.66 -3.58 -11.60
CA ARG D 209 10.60 -3.96 -12.52
CA ARG D 209 10.63 -4.01 -12.54
C ARG D 209 9.87 -5.12 -11.86
C ARG D 209 9.87 -5.21 -12.00
N SER D 210 8.54 -5.12 -12.01
CA SER D 210 7.69 -6.08 -11.34
C SER D 210 7.87 -7.53 -11.81
N ASN D 211 8.60 -7.75 -12.91
CA ASN D 211 8.89 -9.11 -13.35
C ASN D 211 9.99 -9.78 -12.53
N SER D 212 10.59 -9.06 -11.58
CA SER D 212 11.66 -9.63 -10.75
C SER D 212 11.14 -10.64 -9.74
N ILE D 213 9.87 -10.54 -9.37
CA ILE D 213 9.27 -11.53 -8.49
C ILE D 213 9.18 -12.87 -9.18
N LYS D 214 8.83 -12.86 -10.46
CA LYS D 214 8.57 -14.09 -11.19
C LYS D 214 9.84 -14.94 -11.27
N GLN D 215 9.69 -16.24 -11.00
CA GLN D 215 10.84 -17.10 -10.78
C GLN D 215 11.66 -17.37 -12.04
N GLY D 216 11.10 -17.13 -13.23
CA GLY D 216 11.86 -17.46 -14.43
C GLY D 216 11.44 -16.64 -15.63
N LYS D 217 12.17 -16.86 -16.73
CA LYS D 217 11.78 -16.27 -18.01
C LYS D 217 10.39 -16.75 -18.41
N ASP D 218 10.17 -18.06 -18.37
CA ASP D 218 8.81 -18.57 -18.26
C ASP D 218 8.21 -18.03 -16.98
N GLN D 219 7.14 -17.25 -17.11
CA GLN D 219 6.66 -16.48 -15.98
C GLN D 219 6.20 -17.40 -14.85
N HIS D 220 6.31 -16.91 -13.62
CA HIS D 220 6.24 -17.78 -12.46
C HIS D 220 5.82 -16.95 -11.25
N PHE D 221 5.23 -17.62 -10.27
CA PHE D 221 4.91 -16.96 -9.02
C PHE D 221 5.51 -17.77 -7.88
N PRO D 222 6.23 -17.15 -6.94
CA PRO D 222 6.94 -17.91 -5.91
C PRO D 222 6.11 -18.30 -4.69
N VAL D 223 4.82 -17.98 -4.65
CA VAL D 223 4.01 -18.16 -3.45
C VAL D 223 2.73 -18.92 -3.80
N PHE D 224 2.30 -19.76 -2.86
CA PHE D 224 0.97 -20.36 -2.86
C PHE D 224 0.13 -19.67 -1.80
N MET D 225 -1.03 -19.15 -2.18
CA MET D 225 -1.97 -18.59 -1.22
C MET D 225 -3.37 -19.13 -1.53
N ASN D 226 -3.95 -19.84 -0.56
CA ASN D 226 -5.26 -20.45 -0.70
C ASN D 226 -5.31 -21.35 -1.94
N GLU D 227 -6.18 -21.01 -2.89
CA GLU D 227 -6.40 -21.83 -4.08
C GLU D 227 -5.81 -21.21 -5.34
N LYS D 228 -4.72 -20.46 -5.19
CA LYS D 228 -4.07 -19.89 -6.37
C LYS D 228 -2.65 -19.50 -6.04
N GLU D 229 -1.81 -19.48 -7.06
CA GLU D 229 -0.47 -18.94 -6.94
C GLU D 229 -0.54 -17.42 -6.85
N ASP D 230 0.51 -16.82 -6.32
CA ASP D 230 0.50 -15.38 -6.11
C ASP D 230 1.91 -14.81 -6.23
N ILE D 231 1.96 -13.51 -6.49
CA ILE D 231 3.19 -12.76 -6.55
C ILE D 231 3.70 -12.48 -5.13
N LEU D 232 4.97 -12.12 -5.03
CA LEU D 232 5.55 -11.68 -3.77
C LEU D 232 5.10 -10.24 -3.49
N TRP D 233 4.60 -10.00 -2.28
CA TRP D 233 4.17 -8.67 -1.90
C TRP D 233 5.38 -7.81 -1.54
N CYS D 234 5.21 -6.49 -1.66
CA CYS D 234 6.31 -5.58 -1.36
C CYS D 234 6.69 -5.64 0.12
N THR D 235 5.73 -5.96 0.99
CA THR D 235 6.06 -6.16 2.40
C THR D 235 6.97 -7.37 2.58
N GLU D 236 6.77 -8.41 1.78
CA GLU D 236 7.63 -9.57 1.85
C GLU D 236 8.99 -9.31 1.21
N MET D 237 9.04 -8.41 0.21
CA MET D 237 10.33 -8.01 -0.34
C MET D 237 11.17 -7.28 0.69
N GLU D 238 10.53 -6.45 1.52
CA GLU D 238 11.26 -5.77 2.59
C GLU D 238 11.97 -6.78 3.48
N ARG D 239 11.28 -7.87 3.84
CA ARG D 239 11.90 -8.89 4.68
C ARG D 239 12.99 -9.66 3.93
N VAL D 240 12.82 -9.83 2.62
CA VAL D 240 13.86 -10.50 1.83
C VAL D 240 15.13 -9.64 1.79
N PHE D 241 14.97 -8.32 1.62
CA PHE D 241 16.11 -7.41 1.62
C PHE D 241 16.69 -7.20 3.00
N GLY D 242 15.99 -7.61 4.06
CA GLY D 242 16.46 -7.43 5.42
C GLY D 242 16.01 -6.14 6.08
N PHE D 243 15.09 -5.39 5.48
CA PHE D 243 14.56 -4.18 6.07
C PHE D 243 13.46 -4.52 7.09
N PRO D 244 13.25 -3.65 8.08
CA PRO D 244 12.10 -3.88 8.98
C PRO D 244 10.82 -3.76 8.18
N VAL D 245 9.87 -4.67 8.45
CA VAL D 245 8.65 -4.72 7.66
C VAL D 245 7.90 -3.40 7.78
N HIS D 246 7.33 -2.95 6.64
CA HIS D 246 6.66 -1.67 6.46
C HIS D 246 7.62 -0.47 6.47
N TYR D 247 8.92 -0.72 6.30
CA TYR D 247 9.90 0.38 6.26
C TYR D 247 9.55 1.40 5.19
N THR D 248 9.14 0.94 4.01
CA THR D 248 8.81 1.83 2.90
C THR D 248 7.32 2.15 2.80
N ASP D 249 6.52 1.80 3.80
CA ASP D 249 5.09 2.15 3.78
C ASP D 249 4.97 3.62 4.19
N VAL D 250 5.22 4.50 3.22
CA VAL D 250 5.39 5.92 3.48
C VAL D 250 4.82 6.71 2.31
N SER D 251 4.09 7.78 2.62
CA SER D 251 3.71 8.80 1.64
C SER D 251 2.83 8.23 0.51
N ASN D 252 1.93 7.32 0.86
CA ASN D 252 0.95 6.77 -0.07
C ASN D 252 1.58 6.11 -1.29
N MET D 253 2.83 5.68 -1.17
CA MET D 253 3.52 5.04 -2.29
C MET D 253 2.84 3.74 -2.68
N SER D 254 2.76 3.48 -3.97
CA SER D 254 2.25 2.22 -4.47
C SER D 254 3.29 1.12 -4.29
N HIS D 255 2.85 -0.14 -4.46
CA HIS D 255 3.79 -1.24 -4.32
C HIS D 255 4.87 -1.23 -5.39
N LEU D 256 4.57 -0.62 -6.55
CA LEU D 256 5.59 -0.46 -7.58
C LEU D 256 6.56 0.67 -7.24
N ALA D 257 6.04 1.79 -6.72
CA ALA D 257 6.91 2.83 -6.20
C ALA D 257 7.82 2.29 -5.11
N ARG D 258 7.29 1.42 -4.25
CA ARG D 258 8.09 0.86 -3.17
C ARG D 258 9.08 -0.18 -3.69
N GLN D 259 8.64 -1.03 -4.61
CA GLN D 259 9.58 -1.97 -5.23
C GLN D 259 10.64 -1.24 -6.02
N ARG D 260 10.32 -0.04 -6.52
CA ARG D 260 11.33 0.76 -7.20
CA ARG D 260 11.33 0.78 -7.19
C ARG D 260 12.42 1.23 -6.23
N LEU D 261 12.06 1.49 -4.98
CA LEU D 261 13.06 1.89 -3.98
C LEU D 261 13.85 0.68 -3.50
N LEU D 262 13.16 -0.44 -3.25
CA LEU D 262 13.83 -1.65 -2.76
C LEU D 262 14.76 -2.23 -3.82
N GLY D 263 14.26 -2.39 -5.05
CA GLY D 263 15.03 -3.00 -6.12
C GLY D 263 16.30 -2.25 -6.49
N ARG D 264 16.50 -1.09 -5.87
CA ARG D 264 17.66 -0.26 -6.10
C ARG D 264 18.64 -0.24 -4.93
N SER D 265 18.23 -0.72 -3.77
CA SER D 265 18.96 -0.48 -2.54
C SER D 265 19.94 -1.62 -2.26
N TRP D 266 20.53 -1.59 -1.07
CA TRP D 266 21.44 -2.62 -0.61
C TRP D 266 20.68 -3.71 0.15
N SER D 267 21.24 -4.92 0.14
CA SER D 267 20.73 -5.97 1.00
C SER D 267 21.28 -5.72 2.40
N VAL D 268 20.38 -5.58 3.38
CA VAL D 268 20.80 -5.16 4.73
C VAL D 268 21.83 -6.10 5.34
N PRO D 269 21.62 -7.42 5.38
CA PRO D 269 22.61 -8.29 6.04
C PRO D 269 23.96 -8.31 5.36
N VAL D 270 24.03 -7.99 4.06
CA VAL D 270 25.32 -7.84 3.41
C VAL D 270 26.04 -6.61 3.94
N ILE D 271 25.32 -5.48 4.02
CA ILE D 271 25.90 -4.26 4.58
C ILE D 271 26.25 -4.47 6.05
N ARG D 272 25.40 -5.18 6.79
CA ARG D 272 25.68 -5.43 8.20
C ARG D 272 26.98 -6.21 8.37
N HIS D 273 27.23 -7.17 7.48
CA HIS D 273 28.48 -7.93 7.53
C HIS D 273 29.68 -7.03 7.29
N LEU D 274 29.57 -6.09 6.35
CA LEU D 274 30.71 -5.24 6.00
C LEU D 274 30.94 -4.13 7.02
N PHE D 275 29.88 -3.62 7.65
CA PHE D 275 30.02 -2.55 8.64
C PHE D 275 30.42 -3.07 10.02
N ALA D 276 30.12 -4.33 10.33
CA ALA D 276 30.35 -4.85 11.67
C ALA D 276 31.76 -4.62 12.21
N PRO D 277 32.84 -4.76 11.44
CA PRO D 277 34.18 -4.47 12.00
C PRO D 277 34.36 -3.03 12.47
N LEU D 278 33.50 -2.10 12.06
CA LEU D 278 33.62 -0.71 12.50
C LEU D 278 33.31 -0.54 13.99
N LYS D 279 32.73 -1.54 14.65
CA LYS D 279 32.42 -1.42 16.07
C LYS D 279 33.68 -1.24 16.90
N GLU D 280 34.80 -1.83 16.47
CA GLU D 280 36.05 -1.67 17.20
C GLU D 280 36.61 -0.26 17.11
N TYR D 281 36.23 0.51 16.09
CA TYR D 281 36.86 1.80 15.83
C TYR D 281 36.08 2.99 16.36
N PHE D 282 34.79 2.83 16.67
CA PHE D 282 33.97 3.96 17.03
C PHE D 282 33.12 3.63 18.24
N ALA D 283 32.66 4.68 18.92
CA ALA D 283 31.90 4.52 20.15
C ALA D 283 30.60 3.79 19.87
N CYS D 284 30.29 2.82 20.73
CA CYS D 284 29.05 2.07 20.66
C CYS D 284 28.26 2.30 21.95
N VAL D 285 26.95 2.10 21.85
CA VAL D 285 26.07 2.29 22.98
C VAL D 285 26.31 1.21 24.02
P PYO E 5 21.36 -6.78 -11.96
OP1 PYO E 5 22.40 -5.98 -12.52
OP2 PYO E 5 21.72 -7.85 -11.00
O5' PYO E 5 20.32 -5.84 -11.25
C5' PYO E 5 19.95 -4.58 -11.80
C4' PYO E 5 19.33 -3.70 -10.75
O4' PYO E 5 20.34 -3.27 -9.82
C3' PYO E 5 18.70 -2.39 -11.22
C1' PYO E 5 19.85 -2.18 -9.11
O3' PYO E 5 17.38 -2.58 -11.68
C2' PYO E 5 18.79 -1.48 -9.98
O2' PYO E 5 17.56 -1.49 -9.28
N1 PYO E 5 20.98 -1.29 -8.75
C6 PYO E 5 21.21 -0.06 -9.42
C2 PYO E 5 21.88 -1.71 -7.69
C5 PYO E 5 22.35 0.81 -9.01
O2 PYO E 5 21.67 -2.79 -7.12
N3 PYO E 5 23.01 -0.88 -7.30
C4 PYO E 5 23.25 0.36 -7.95
P PYO F 5 -21.93 9.03 5.84
OP1 PYO F 5 -23.09 8.26 5.57
OP2 PYO F 5 -21.69 9.41 7.21
O5' PYO F 5 -20.63 8.27 5.34
C5' PYO F 5 -20.68 7.43 4.20
C4' PYO F 5 -19.68 6.31 4.28
O4' PYO F 5 -20.01 5.43 5.35
C3' PYO F 5 -19.57 5.39 3.06
C1' PYO F 5 -19.26 4.27 5.18
O3' PYO F 5 -18.68 5.87 2.07
C2' PYO F 5 -19.17 4.03 3.67
O2' PYO F 5 -17.83 3.68 3.32
N1 PYO F 5 -19.93 3.17 5.88
C6 PYO F 5 -20.65 2.21 5.13
C2 PYO F 5 -19.85 3.08 7.33
C5 PYO F 5 -21.32 1.10 5.84
O2 PYO F 5 -19.23 3.92 7.96
N3 PYO F 5 -20.52 2.00 8.04
C4 PYO F 5 -21.24 1.04 7.28
N SAH G . -17.92 -3.46 9.83
CA SAH G . -16.88 -3.94 8.92
CB SAH G . -17.18 -3.52 7.48
CG SAH G . -18.65 -3.36 7.10
SD SAH G . -18.85 -2.64 5.45
C SAH G . -15.50 -3.45 9.35
O SAH G . -15.29 -3.03 10.49
OXT SAH G . -14.54 -3.47 8.56
C5' SAH G . -19.82 -4.04 4.83
C4' SAH G . -18.98 -5.22 4.33
O4' SAH G . -19.83 -6.26 3.89
C3' SAH G . -18.08 -4.88 3.15
O3' SAH G . -16.74 -5.10 3.52
C2' SAH G . -18.46 -5.86 2.05
O2' SAH G . -17.32 -6.42 1.44
C1' SAH G . -19.26 -6.92 2.79
N9 SAH G . -20.30 -7.54 1.94
C8 SAH G . -20.93 -7.00 0.85
N7 SAH G . -21.81 -7.92 0.38
C5 SAH G . -21.74 -9.04 1.13
C6 SAH G . -22.40 -10.26 1.08
N6 SAH G . -23.31 -10.50 0.14
N1 SAH G . -22.10 -11.24 2.01
C2 SAH G . -21.16 -10.99 2.99
N3 SAH G . -20.50 -9.78 3.03
C4 SAH G . -20.79 -8.81 2.12
N SAH H . 22.45 2.64 -1.89
CA SAH H . 21.14 3.28 -1.75
CB SAH H . 20.47 3.43 -3.11
CG SAH H . 21.42 3.55 -4.30
SD SAH H . 20.51 3.59 -5.89
C SAH H . 20.25 2.49 -0.79
O SAH H . 19.03 2.72 -0.72
OXT SAH H . 20.72 1.62 -0.06
C5' SAH H . 21.19 5.21 -6.35
C4' SAH H . 20.43 6.40 -5.75
O4' SAH H . 21.07 7.59 -6.15
C3' SAH H . 18.98 6.50 -6.20
O3' SAH H . 18.15 6.39 -5.07
C2' SAH H . 18.84 7.88 -6.81
O2' SAH H . 17.68 8.52 -6.34
C1' SAH H . 20.09 8.61 -6.32
N9 SAH H . 20.54 9.63 -7.28
C8 SAH H . 20.38 9.65 -8.63
N7 SAH H . 20.94 10.78 -9.13
C5 SAH H . 21.46 11.49 -8.10
C6 SAH H . 22.14 12.71 -8.04
N6 SAH H . 22.38 13.40 -9.15
N1 SAH H . 22.55 13.19 -6.83
C2 SAH H . 22.31 12.48 -5.68
N3 SAH H . 21.63 11.27 -5.74
C4 SAH H . 21.21 10.79 -6.93
#